data_3ZNS
#
_entry.id   3ZNS
#
_cell.length_a   81.570
_cell.length_b   81.570
_cell.length_c   150.101
_cell.angle_alpha   90.00
_cell.angle_beta   90.00
_cell.angle_gamma   120.00
#
_symmetry.space_group_name_H-M   'P 32'
#
loop_
_entity.id
_entity.type
_entity.pdbx_description
1 polymer 'HISTONE DEACETYLASE 7'
2 non-polymer 'ZINC ION'
3 non-polymer 'POTASSIUM ION'
4 non-polymer N-{[1-methyl-4-(4-phenyl-1,3-thiazol-2-yl)piperidin-4-yl]methyl}-3-[5-(trifluoromethyl)-1,2,4-oxadiazol-3-yl]benzamide
5 water water
#
_entity_poly.entity_id   1
_entity_poly.type   'polypeptide(L)'
_entity_poly.pdbx_seq_one_letter_code
;GSRAQSSPAAPASLSAPEPASQARVLSSSETPARTLPFTTGLIYDSVMLKHQCSCGDNSRHPEHAGRIQSIWSRLQERGL
RSQCECLRGRKASLEELQSVHSERHVLLYGTNPLSRLKLDNGKLAGLLAQRMFVMLPCGGVGVDTDTIWNELHSSNAARW
AAGSVTDLAFKVASRELKNGFAVVRPPGHHADHSTAMGFCFFNSVAIACRQLQQQSKASKILIVDWDVHHGNGTQQTFYQ
DPSVLYISLHRHDDGNFFPGSGAVDEVGAGSGEGFNVNVAWAGGLDPPMGDPEYLAAFRIVVMPIAREFSPDLVLVSAGF
DAAEGHPAPLGGYHVSAKCFGYMTQQLMNLAGGAVVLALEGGHDLTAICDASEACVAALLGNRVDPLSEEGWKQKPNLNA
IRSLEAVIRVHSKYWGCMQRLAS
;
_entity_poly.pdbx_strand_id   A,B,C
#
loop_
_chem_comp.id
_chem_comp.type
_chem_comp.name
_chem_comp.formula
K non-polymer 'POTASSIUM ION' 'K 1'
NU7 non-polymer N-{[1-methyl-4-(4-phenyl-1,3-thiazol-2-yl)piperidin-4-yl]methyl}-3-[5-(trifluoromethyl)-1,2,4-oxadiazol-3-yl]benzamide 'C26 H24 F3 N5 O2 S'
ZN non-polymer 'ZINC ION' 'Zn 2'
#
# COMPACT_ATOMS: atom_id res chain seq x y z
N LEU A 36 6.30 -2.03 9.95
CA LEU A 36 6.53 -2.15 8.49
C LEU A 36 5.57 -3.15 7.84
N PRO A 37 5.06 -2.83 6.63
CA PRO A 37 4.13 -3.73 5.95
C PRO A 37 4.84 -4.73 5.06
N PHE A 38 4.15 -5.81 4.71
CA PHE A 38 4.74 -6.87 3.89
C PHE A 38 4.58 -6.58 2.39
N THR A 39 5.38 -5.64 1.91
CA THR A 39 5.48 -5.31 0.49
C THR A 39 6.97 -5.24 0.17
N THR A 40 7.33 -4.71 -1.00
CA THR A 40 8.74 -4.57 -1.35
C THR A 40 9.28 -3.28 -0.75
N GLY A 41 10.52 -3.33 -0.30
CA GLY A 41 11.19 -2.16 0.27
C GLY A 41 12.12 -1.50 -0.75
N LEU A 42 12.17 -0.17 -0.72
CA LEU A 42 13.13 0.59 -1.52
C LEU A 42 14.04 1.38 -0.60
N ILE A 43 15.34 1.29 -0.83
CA ILE A 43 16.32 2.07 -0.10
C ILE A 43 16.81 3.21 -0.99
N TYR A 44 16.81 4.43 -0.45
CA TYR A 44 17.40 5.58 -1.12
C TYR A 44 17.68 6.67 -0.09
N ASP A 45 18.73 7.45 -0.33
CA ASP A 45 19.04 8.63 0.49
C ASP A 45 20.00 9.55 -0.27
N SER A 46 19.79 10.86 -0.12
CA SER A 46 20.60 11.85 -0.84
C SER A 46 22.07 11.87 -0.42
N VAL A 47 22.36 11.38 0.79
CA VAL A 47 23.75 11.26 1.27
C VAL A 47 24.68 10.59 0.25
N MET A 48 24.15 9.62 -0.49
CA MET A 48 24.93 8.92 -1.53
C MET A 48 25.17 9.75 -2.80
N LEU A 49 24.43 10.84 -2.98
CA LEU A 49 24.67 11.76 -4.10
C LEU A 49 25.98 12.54 -3.96
N LYS A 50 26.43 12.69 -2.71
CA LYS A 50 27.55 13.59 -2.39
C LYS A 50 28.92 13.01 -2.82
N HIS A 51 28.93 11.72 -3.18
CA HIS A 51 30.12 11.08 -3.71
C HIS A 51 30.39 11.58 -5.14
N GLN A 52 31.23 12.60 -5.24
CA GLN A 52 31.60 13.20 -6.52
C GLN A 52 33.02 13.75 -6.44
N CYS A 53 33.76 13.66 -7.54
CA CYS A 53 35.07 14.28 -7.65
C CYS A 53 34.93 15.81 -7.59
N SER A 54 35.95 16.46 -7.05
CA SER A 54 35.90 17.91 -6.81
C SER A 54 35.96 18.74 -8.11
N CYS A 55 36.49 18.15 -9.18
CA CYS A 55 36.56 18.82 -10.48
C CYS A 55 35.18 19.06 -11.09
N GLY A 56 34.17 18.31 -10.64
CA GLY A 56 32.78 18.57 -10.99
C GLY A 56 32.25 17.81 -12.20
N ASP A 57 33.15 17.32 -13.04
CA ASP A 57 32.78 16.78 -14.35
C ASP A 57 32.15 15.38 -14.28
N ASN A 58 30.85 15.31 -14.57
CA ASN A 58 30.11 14.03 -14.58
C ASN A 58 30.36 13.18 -15.83
N SER A 59 30.98 13.78 -16.85
CA SER A 59 31.32 13.03 -18.07
C SER A 59 32.65 12.31 -17.90
N ARG A 60 33.66 13.02 -17.41
CA ARG A 60 34.95 12.40 -17.09
C ARG A 60 34.85 11.37 -15.97
N HIS A 61 33.84 11.52 -15.10
CA HIS A 61 33.59 10.58 -14.01
C HIS A 61 32.17 10.02 -14.12
N PRO A 62 31.98 8.97 -14.94
CA PRO A 62 30.65 8.49 -15.32
C PRO A 62 29.84 7.81 -14.20
N GLU A 63 30.50 7.35 -13.15
CA GLU A 63 29.81 6.83 -11.97
C GLU A 63 29.32 8.04 -11.17
N HIS A 64 28.19 8.60 -11.56
CA HIS A 64 27.74 9.90 -11.02
C HIS A 64 26.42 9.85 -10.25
N ALA A 65 26.17 10.91 -9.50
CA ALA A 65 24.98 11.02 -8.65
C ALA A 65 23.68 10.80 -9.41
N GLY A 66 23.61 11.32 -10.63
CA GLY A 66 22.42 11.19 -11.47
C GLY A 66 21.91 9.78 -11.66
N ARG A 67 22.82 8.81 -11.54
CA ARG A 67 22.48 7.40 -11.73
C ARG A 67 21.37 6.94 -10.77
N ILE A 68 21.52 7.22 -9.48
CA ILE A 68 20.48 6.86 -8.50
C ILE A 68 19.35 7.90 -8.43
N GLN A 69 19.68 9.16 -8.70
CA GLN A 69 18.70 10.24 -8.67
C GLN A 69 17.62 10.04 -9.74
N SER A 70 18.06 9.66 -10.94
CA SER A 70 17.12 9.47 -12.05
C SER A 70 16.26 8.21 -11.86
N ILE A 71 16.86 7.14 -11.33
CA ILE A 71 16.10 5.93 -11.01
C ILE A 71 15.01 6.23 -9.99
N TRP A 72 15.36 7.04 -8.99
CA TRP A 72 14.47 7.34 -7.88
C TRP A 72 13.24 8.11 -8.32
N SER A 73 13.42 9.15 -9.12
CA SER A 73 12.29 9.93 -9.63
C SER A 73 11.49 9.17 -10.70
N ARG A 74 12.18 8.34 -11.48
CA ARG A 74 11.54 7.45 -12.44
C ARG A 74 10.55 6.48 -11.76
N LEU A 75 10.92 5.94 -10.60
CA LEU A 75 10.01 5.05 -9.87
C LEU A 75 8.74 5.76 -9.43
N GLN A 76 8.83 7.06 -9.15
CA GLN A 76 7.66 7.84 -8.77
C GLN A 76 6.84 8.23 -10.00
N GLU A 77 7.53 8.64 -11.05
CA GLU A 77 6.88 9.05 -12.31
C GLU A 77 6.01 7.92 -12.88
N ARG A 78 6.48 6.68 -12.72
CA ARG A 78 5.78 5.50 -13.23
C ARG A 78 4.85 4.87 -12.18
N GLY A 79 4.74 5.51 -11.01
CA GLY A 79 3.81 5.10 -9.95
C GLY A 79 4.23 3.93 -9.07
N LEU A 80 5.46 3.45 -9.24
CA LEU A 80 5.93 2.28 -8.49
C LEU A 80 6.40 2.61 -7.08
N ARG A 81 7.00 3.78 -6.89
CA ARG A 81 7.62 4.14 -5.61
C ARG A 81 6.65 4.12 -4.43
N SER A 82 5.48 4.70 -4.61
CA SER A 82 4.48 4.78 -3.53
C SER A 82 3.93 3.42 -3.09
N GLN A 83 4.06 2.40 -3.94
CA GLN A 83 3.55 1.07 -3.65
C GLN A 83 4.51 0.31 -2.74
N CYS A 84 5.72 0.84 -2.58
CA CYS A 84 6.75 0.24 -1.75
C CYS A 84 6.84 0.95 -0.40
N GLU A 85 7.56 0.33 0.53
CA GLU A 85 7.95 0.99 1.76
C GLU A 85 9.32 1.61 1.51
N CYS A 86 9.40 2.93 1.62
CA CYS A 86 10.63 3.65 1.31
C CYS A 86 11.43 3.90 2.58
N LEU A 87 12.69 3.50 2.54
CA LEU A 87 13.56 3.53 3.71
C LEU A 87 14.82 4.31 3.39
N ARG A 88 15.37 4.99 4.40
CA ARG A 88 16.56 5.81 4.22
C ARG A 88 17.84 5.00 4.28
N GLY A 89 17.84 3.95 5.10
CA GLY A 89 19.04 3.15 5.33
C GLY A 89 19.87 3.76 6.45
N ARG A 90 21.16 3.44 6.49
CA ARG A 90 22.04 3.88 7.58
C ARG A 90 23.52 3.68 7.24
N LYS A 91 24.39 4.28 8.05
CA LYS A 91 25.83 4.02 7.98
C LYS A 91 26.14 2.58 8.37
N ALA A 92 26.98 1.90 7.61
CA ALA A 92 27.54 0.64 8.08
C ALA A 92 28.56 0.95 9.18
N SER A 93 28.55 0.17 10.26
CA SER A 93 29.50 0.35 11.34
C SER A 93 30.87 -0.16 10.91
N LEU A 94 31.92 0.33 11.56
CA LEU A 94 33.29 -0.13 11.26
C LEU A 94 33.41 -1.64 11.42
N GLU A 95 32.71 -2.18 12.42
CA GLU A 95 32.67 -3.62 12.66
C GLU A 95 32.06 -4.37 11.48
N GLU A 96 30.96 -3.86 10.94
CA GLU A 96 30.31 -4.49 9.78
C GLU A 96 31.23 -4.53 8.56
N LEU A 97 31.97 -3.45 8.33
CA LEU A 97 32.94 -3.37 7.24
C LEU A 97 34.10 -4.36 7.42
N GLN A 98 34.50 -4.60 8.66
CA GLN A 98 35.61 -5.51 8.96
C GLN A 98 35.25 -6.99 8.83
N SER A 99 33.96 -7.30 8.70
CA SER A 99 33.53 -8.68 8.45
C SER A 99 33.86 -9.11 7.03
N VAL A 100 34.19 -8.15 6.16
CA VAL A 100 34.61 -8.45 4.79
C VAL A 100 35.96 -7.85 4.43
N HIS A 101 36.28 -6.68 4.96
CA HIS A 101 37.51 -5.96 4.59
C HIS A 101 38.53 -5.93 5.71
N SER A 102 39.79 -5.68 5.35
CA SER A 102 40.89 -5.64 6.32
C SER A 102 40.81 -4.40 7.20
N GLU A 103 41.61 -4.39 8.27
CA GLU A 103 41.66 -3.26 9.20
C GLU A 103 42.26 -2.02 8.55
N ARG A 104 43.33 -2.20 7.79
CA ARG A 104 43.92 -1.11 7.04
C ARG A 104 42.91 -0.50 6.07
N HIS A 105 42.20 -1.36 5.35
CA HIS A 105 41.19 -0.91 4.38
C HIS A 105 40.12 -0.04 5.05
N VAL A 106 39.59 -0.53 6.17
CA VAL A 106 38.50 0.15 6.87
C VAL A 106 38.95 1.46 7.52
N LEU A 107 40.18 1.50 8.04
CA LEU A 107 40.73 2.76 8.54
C LEU A 107 40.87 3.76 7.40
N LEU A 108 41.41 3.30 6.27
CA LEU A 108 41.68 4.14 5.12
C LEU A 108 40.41 4.78 4.54
N TYR A 109 39.37 3.98 4.34
CA TYR A 109 38.17 4.44 3.63
C TYR A 109 36.93 4.62 4.52
N GLY A 110 37.00 4.18 5.78
CA GLY A 110 35.84 4.20 6.66
C GLY A 110 35.87 5.26 7.75
N THR A 111 37.01 5.94 7.92
CA THR A 111 37.19 6.86 9.04
C THR A 111 37.77 8.20 8.63
N ASN A 112 37.51 9.22 9.46
CA ASN A 112 38.01 10.57 9.26
C ASN A 112 39.47 10.67 9.73
N PRO A 113 40.35 11.27 8.90
CA PRO A 113 41.75 11.50 9.23
C PRO A 113 42.03 12.01 10.65
N LEU A 114 41.27 13.00 11.10
CA LEU A 114 41.54 13.63 12.39
C LEU A 114 41.25 12.70 13.57
N SER A 115 40.15 11.97 13.49
CA SER A 115 39.80 11.03 14.56
C SER A 115 40.60 9.74 14.43
N VAL A 134 46.31 9.50 -4.06
CA VAL A 134 46.92 9.60 -5.39
C VAL A 134 46.31 10.75 -6.19
N MET A 135 47.17 11.53 -6.83
CA MET A 135 46.76 12.69 -7.63
C MET A 135 46.22 12.22 -8.97
N LEU A 136 45.30 12.98 -9.55
CA LEU A 136 44.68 12.63 -10.84
C LEU A 136 44.98 13.72 -11.87
N PRO A 137 44.85 13.39 -13.17
CA PRO A 137 45.05 14.39 -14.22
C PRO A 137 44.13 15.61 -14.10
N CYS A 138 42.91 15.39 -13.61
CA CYS A 138 41.92 16.47 -13.46
C CYS A 138 42.13 17.31 -12.20
N GLY A 139 43.03 16.89 -11.32
CA GLY A 139 43.33 17.64 -10.10
C GLY A 139 42.68 17.11 -8.84
N GLY A 140 41.63 16.31 -8.98
CA GLY A 140 40.99 15.67 -7.84
C GLY A 140 41.81 14.51 -7.31
N VAL A 141 41.45 14.03 -6.13
CA VAL A 141 42.12 12.88 -5.53
C VAL A 141 41.34 11.61 -5.87
N GLY A 142 42.05 10.49 -5.95
CA GLY A 142 41.43 9.19 -6.18
C GLY A 142 42.36 8.05 -5.80
N VAL A 143 41.82 6.83 -5.73
CA VAL A 143 42.64 5.66 -5.45
C VAL A 143 43.33 5.22 -6.74
N ASP A 144 42.62 5.37 -7.85
CA ASP A 144 43.19 5.20 -9.18
C ASP A 144 42.46 6.16 -10.15
N THR A 145 42.66 6.02 -11.45
CA THR A 145 42.16 7.00 -12.41
C THR A 145 40.64 7.02 -12.49
N ASP A 146 39.99 5.87 -12.27
CA ASP A 146 38.54 5.75 -12.35
C ASP A 146 37.85 5.85 -10.99
N THR A 147 38.51 5.35 -9.95
CA THR A 147 37.95 5.33 -8.60
C THR A 147 38.33 6.61 -7.85
N ILE A 148 37.45 7.61 -7.90
CA ILE A 148 37.73 8.91 -7.30
C ILE A 148 37.48 8.87 -5.79
N TRP A 149 37.93 9.91 -5.09
CA TRP A 149 37.75 10.01 -3.65
C TRP A 149 37.47 11.43 -3.22
N ASN A 150 36.24 11.70 -2.81
CA ASN A 150 35.89 12.98 -2.20
C ASN A 150 36.28 12.91 -0.72
N GLU A 151 37.22 13.77 -0.32
CA GLU A 151 37.79 13.75 1.01
C GLU A 151 36.79 14.13 2.12
N LEU A 152 35.61 14.63 1.74
CA LEU A 152 34.54 14.92 2.70
C LEU A 152 33.39 13.91 2.67
N HIS A 153 33.06 13.33 1.52
CA HIS A 153 31.80 12.60 1.35
C HIS A 153 31.87 11.11 0.94
N SER A 154 32.92 10.70 0.24
CA SER A 154 32.98 9.34 -0.33
C SER A 154 32.86 8.25 0.73
N SER A 155 33.61 8.40 1.82
CA SER A 155 33.55 7.45 2.93
C SER A 155 32.12 7.31 3.46
N ASN A 156 31.47 8.43 3.72
CA ASN A 156 30.08 8.44 4.19
C ASN A 156 29.14 7.74 3.21
N ALA A 157 29.24 8.07 1.93
CA ALA A 157 28.36 7.50 0.91
C ALA A 157 28.61 5.99 0.74
N ALA A 158 29.88 5.58 0.82
CA ALA A 158 30.23 4.16 0.70
C ALA A 158 29.67 3.37 1.89
N ARG A 159 29.81 3.93 3.09
CA ARG A 159 29.30 3.29 4.29
C ARG A 159 27.79 3.24 4.29
N TRP A 160 27.16 4.28 3.73
CA TRP A 160 25.70 4.29 3.62
C TRP A 160 25.19 3.19 2.69
N ALA A 161 25.90 2.96 1.58
CA ALA A 161 25.49 1.94 0.63
C ALA A 161 25.60 0.55 1.27
N ALA A 162 26.71 0.29 1.93
CA ALA A 162 26.91 -0.96 2.66
C ALA A 162 25.85 -1.10 3.74
N GLY A 163 25.67 -0.05 4.54
CA GLY A 163 24.74 -0.07 5.66
C GLY A 163 23.29 -0.30 5.23
N SER A 164 22.91 0.27 4.09
CA SER A 164 21.53 0.24 3.64
C SER A 164 21.16 -1.09 2.97
N VAL A 165 22.07 -1.63 2.18
CA VAL A 165 21.86 -2.97 1.61
C VAL A 165 21.74 -3.99 2.75
N THR A 166 22.55 -3.81 3.78
CA THR A 166 22.51 -4.68 4.95
C THR A 166 21.18 -4.55 5.67
N ASP A 167 20.76 -3.31 5.96
CA ASP A 167 19.49 -3.07 6.64
C ASP A 167 18.29 -3.67 5.87
N LEU A 168 18.30 -3.54 4.54
CA LEU A 168 17.22 -4.08 3.71
C LEU A 168 17.22 -5.61 3.75
N ALA A 169 18.38 -6.23 3.60
CA ALA A 169 18.53 -7.69 3.66
C ALA A 169 18.01 -8.25 4.97
N PHE A 170 18.30 -7.58 6.09
CA PHE A 170 17.81 -7.99 7.40
C PHE A 170 16.30 -7.93 7.51
N LYS A 171 15.71 -6.84 7.01
CA LYS A 171 14.25 -6.68 7.03
C LYS A 171 13.55 -7.72 6.13
N VAL A 172 14.18 -8.07 5.02
CA VAL A 172 13.67 -9.15 4.17
C VAL A 172 13.91 -10.53 4.82
N ALA A 173 15.07 -10.73 5.42
CA ALA A 173 15.38 -12.01 6.09
C ALA A 173 14.41 -12.33 7.23
N SER A 174 13.97 -11.30 7.95
CA SER A 174 12.97 -11.47 9.01
C SER A 174 11.53 -11.62 8.49
N ARG A 175 11.36 -11.53 7.16
CA ARG A 175 10.03 -11.50 6.52
C ARG A 175 9.18 -10.32 7.00
N GLU A 176 9.85 -9.27 7.49
CA GLU A 176 9.20 -8.01 7.82
C GLU A 176 8.90 -7.26 6.51
N LEU A 177 9.76 -7.48 5.50
CA LEU A 177 9.51 -7.07 4.13
C LEU A 177 9.55 -8.30 3.24
N LYS A 178 8.74 -8.32 2.18
CA LYS A 178 8.70 -9.45 1.25
C LYS A 178 10.00 -9.57 0.45
N ASN A 179 10.43 -8.45 -0.13
CA ASN A 179 11.66 -8.37 -0.91
C ASN A 179 12.10 -6.91 -0.97
N GLY A 180 13.15 -6.60 -1.71
CA GLY A 180 13.62 -5.23 -1.77
C GLY A 180 14.56 -4.90 -2.91
N PHE A 181 14.68 -3.61 -3.19
CA PHE A 181 15.59 -3.08 -4.19
C PHE A 181 16.32 -1.90 -3.56
N ALA A 182 17.65 -1.97 -3.53
CA ALA A 182 18.46 -0.91 -2.92
C ALA A 182 19.07 -0.03 -4.00
N VAL A 183 18.64 1.23 -4.04
CA VAL A 183 19.09 2.19 -5.05
C VAL A 183 20.30 2.95 -4.50
N VAL A 184 21.46 2.31 -4.60
CA VAL A 184 22.66 2.79 -3.91
C VAL A 184 23.85 3.05 -4.84
N ARG A 185 24.70 3.96 -4.39
CA ARG A 185 26.02 4.16 -4.99
C ARG A 185 26.92 4.66 -3.85
N PRO A 186 28.24 4.48 -3.99
CA PRO A 186 28.93 3.85 -5.11
C PRO A 186 28.70 2.35 -5.13
N PRO A 187 29.05 1.68 -6.25
CA PRO A 187 28.90 0.23 -6.33
C PRO A 187 29.91 -0.51 -5.43
N GLY A 188 29.75 -1.82 -5.32
CA GLY A 188 30.49 -2.61 -4.33
C GLY A 188 31.26 -3.85 -4.78
N HIS A 189 30.76 -4.54 -5.80
CA HIS A 189 31.23 -5.91 -6.07
C HIS A 189 32.68 -6.07 -6.55
N HIS A 190 33.36 -4.98 -6.90
CA HIS A 190 34.78 -5.03 -7.26
C HIS A 190 35.72 -4.85 -6.06
N ALA A 191 35.23 -4.23 -4.99
CA ALA A 191 36.01 -4.06 -3.76
C ALA A 191 36.28 -5.42 -3.13
N ASP A 192 37.55 -5.78 -2.97
CA ASP A 192 37.92 -7.04 -2.31
C ASP A 192 38.46 -6.79 -0.89
N HIS A 193 39.09 -7.79 -0.28
CA HIS A 193 39.47 -7.72 1.14
C HIS A 193 40.29 -6.48 1.51
N SER A 194 41.23 -6.09 0.65
CA SER A 194 42.07 -4.94 0.93
C SER A 194 42.37 -4.06 -0.29
N THR A 195 41.42 -3.98 -1.22
CA THR A 195 41.58 -3.14 -2.41
C THR A 195 40.26 -2.48 -2.84
N ALA A 196 40.25 -1.15 -2.85
CA ALA A 196 39.20 -0.40 -3.54
C ALA A 196 39.60 -0.31 -5.00
N MET A 197 38.66 -0.60 -5.90
CA MET A 197 38.91 -0.59 -7.34
C MET A 197 37.61 -0.59 -8.12
N GLY A 198 37.71 -0.28 -9.41
CA GLY A 198 36.56 -0.31 -10.32
C GLY A 198 35.34 0.41 -9.76
N PHE A 199 35.56 1.65 -9.31
CA PHE A 199 34.51 2.50 -8.74
C PHE A 199 33.95 2.00 -7.40
N CYS A 200 34.61 1.02 -6.78
CA CYS A 200 34.08 0.39 -5.56
C CYS A 200 35.02 0.56 -4.37
N PHE A 201 34.43 0.71 -3.19
CA PHE A 201 35.18 0.90 -1.95
C PHE A 201 34.86 -0.18 -0.92
N PHE A 202 33.58 -0.45 -0.69
CA PHE A 202 33.14 -1.53 0.20
C PHE A 202 32.14 -2.41 -0.54
N ASN A 203 32.29 -3.73 -0.42
CA ASN A 203 31.40 -4.66 -1.10
C ASN A 203 30.10 -4.83 -0.32
N SER A 204 29.17 -3.92 -0.59
CA SER A 204 27.89 -3.84 0.12
C SER A 204 27.14 -5.17 0.20
N VAL A 205 27.03 -5.86 -0.94
CA VAL A 205 26.35 -7.17 -1.00
C VAL A 205 27.07 -8.22 -0.13
N ALA A 206 28.41 -8.20 -0.17
CA ALA A 206 29.22 -9.13 0.62
C ALA A 206 29.10 -8.84 2.11
N ILE A 207 29.11 -7.56 2.48
CA ILE A 207 28.95 -7.16 3.87
C ILE A 207 27.57 -7.53 4.38
N ALA A 208 26.54 -7.33 3.55
CA ALA A 208 25.18 -7.70 3.90
C ALA A 208 25.06 -9.21 4.13
N CYS A 209 25.62 -9.98 3.22
CA CYS A 209 25.62 -11.45 3.34
C CYS A 209 26.31 -11.94 4.61
N ARG A 210 27.50 -11.44 4.88
CA ARG A 210 28.25 -11.81 6.10
C ARG A 210 27.48 -11.53 7.38
N GLN A 211 26.75 -10.42 7.40
CA GLN A 211 26.02 -10.01 8.60
C GLN A 211 24.79 -10.89 8.85
N LEU A 212 24.04 -11.18 7.78
CA LEU A 212 22.95 -12.15 7.84
C LEU A 212 23.40 -13.48 8.45
N GLN A 213 24.57 -13.95 8.05
CA GLN A 213 25.15 -15.19 8.58
C GLN A 213 25.55 -15.06 10.04
N GLN A 214 26.28 -14.01 10.37
CA GLN A 214 26.82 -13.85 11.72
C GLN A 214 25.73 -13.55 12.74
N GLN A 215 24.63 -12.93 12.29
CA GLN A 215 23.46 -12.70 13.14
C GLN A 215 22.46 -13.86 13.06
N SER A 216 22.87 -14.95 12.40
CA SER A 216 22.07 -16.20 12.32
C SER A 216 20.73 -16.04 11.61
N LYS A 217 20.60 -14.99 10.79
CA LYS A 217 19.32 -14.65 10.18
C LYS A 217 19.09 -15.34 8.83
N ALA A 218 20.10 -16.06 8.34
CA ALA A 218 19.98 -16.83 7.11
C ALA A 218 21.09 -17.88 7.01
N SER A 219 20.70 -19.15 6.90
CA SER A 219 21.66 -20.25 6.84
C SER A 219 22.40 -20.27 5.50
N LYS A 220 21.67 -20.44 4.40
CA LYS A 220 22.26 -20.53 3.07
C LYS A 220 21.84 -19.35 2.23
N ILE A 221 22.83 -18.67 1.63
CA ILE A 221 22.58 -17.47 0.86
C ILE A 221 23.07 -17.63 -0.59
N LEU A 222 22.18 -17.33 -1.53
CA LEU A 222 22.54 -17.27 -2.94
C LEU A 222 22.85 -15.82 -3.29
N ILE A 223 24.01 -15.60 -3.88
CA ILE A 223 24.35 -14.30 -4.46
C ILE A 223 24.40 -14.45 -5.97
N VAL A 224 23.50 -13.75 -6.67
CA VAL A 224 23.51 -13.69 -8.12
C VAL A 224 24.01 -12.31 -8.56
N ASP A 225 24.95 -12.30 -9.50
CA ASP A 225 25.53 -11.06 -9.98
C ASP A 225 25.37 -11.00 -11.50
N TRP A 226 24.41 -10.23 -11.99
CA TRP A 226 24.16 -10.11 -13.44
C TRP A 226 24.69 -8.82 -14.07
N ASP A 227 25.43 -8.03 -13.28
CA ASP A 227 26.22 -6.94 -13.82
C ASP A 227 27.17 -7.56 -14.85
N VAL A 228 27.46 -6.82 -15.93
CA VAL A 228 28.25 -7.38 -17.03
C VAL A 228 29.72 -7.63 -16.65
N HIS A 229 30.21 -6.96 -15.61
CA HIS A 229 31.56 -7.20 -15.09
C HIS A 229 31.54 -8.25 -13.97
N HIS A 230 32.59 -9.05 -13.88
CA HIS A 230 32.73 -10.04 -12.82
C HIS A 230 32.90 -9.36 -11.46
N GLY A 231 32.15 -9.81 -10.47
CA GLY A 231 32.29 -9.30 -9.11
C GLY A 231 33.44 -9.97 -8.40
N ASN A 232 34.67 -9.60 -8.77
CA ASN A 232 35.88 -10.19 -8.21
C ASN A 232 35.90 -10.16 -6.68
N GLY A 233 35.40 -9.08 -6.10
CA GLY A 233 35.37 -8.93 -4.66
C GLY A 233 34.54 -10.01 -4.02
N THR A 234 33.30 -10.15 -4.49
CA THR A 234 32.35 -11.12 -3.96
C THR A 234 32.86 -12.55 -4.10
N GLN A 235 33.44 -12.88 -5.25
CA GLN A 235 34.02 -14.20 -5.45
C GLN A 235 35.09 -14.51 -4.40
N GLN A 236 35.98 -13.56 -4.16
CA GLN A 236 37.09 -13.75 -3.22
C GLN A 236 36.61 -14.00 -1.79
N THR A 237 35.68 -13.17 -1.32
CA THR A 237 35.19 -13.22 0.05
C THR A 237 34.61 -14.59 0.39
N PHE A 238 33.84 -15.15 -0.54
CA PHE A 238 33.09 -16.36 -0.28
C PHE A 238 33.69 -17.60 -0.95
N TYR A 239 34.94 -17.51 -1.40
CA TYR A 239 35.54 -18.56 -2.22
C TYR A 239 35.65 -19.95 -1.54
N GLN A 240 35.71 -19.97 -0.20
CA GLN A 240 35.89 -21.20 0.56
C GLN A 240 34.73 -21.54 1.50
N ASP A 241 33.61 -20.85 1.32
CA ASP A 241 32.44 -20.99 2.18
C ASP A 241 31.31 -21.67 1.41
N PRO A 242 30.99 -22.93 1.75
CA PRO A 242 29.92 -23.64 1.03
C PRO A 242 28.49 -23.20 1.40
N SER A 243 28.34 -22.33 2.39
CA SER A 243 27.02 -21.81 2.78
C SER A 243 26.66 -20.54 1.99
N VAL A 244 27.53 -20.12 1.09
CA VAL A 244 27.24 -19.04 0.17
C VAL A 244 27.51 -19.52 -1.25
N LEU A 245 26.52 -19.38 -2.11
CA LEU A 245 26.63 -19.76 -3.51
C LEU A 245 26.69 -18.48 -4.33
N TYR A 246 27.80 -18.27 -5.02
CA TYR A 246 27.99 -17.11 -5.88
C TYR A 246 27.88 -17.51 -7.35
N ILE A 247 26.93 -16.89 -8.05
CA ILE A 247 26.76 -17.15 -9.48
C ILE A 247 26.84 -15.84 -10.25
N SER A 248 27.84 -15.74 -11.12
CA SER A 248 28.06 -14.54 -11.93
C SER A 248 27.81 -14.82 -13.40
N LEU A 249 27.06 -13.93 -14.06
CA LEU A 249 27.04 -13.87 -15.52
C LEU A 249 27.82 -12.64 -15.93
N HIS A 250 28.90 -12.82 -16.69
CA HIS A 250 29.71 -11.68 -17.11
C HIS A 250 30.41 -11.90 -18.44
N ARG A 251 30.71 -10.78 -19.10
CA ARG A 251 31.55 -10.78 -20.28
C ARG A 251 32.97 -11.07 -19.82
N HIS A 252 33.56 -12.16 -20.31
CA HIS A 252 34.92 -12.54 -19.92
C HIS A 252 35.89 -12.33 -21.08
N ASP A 253 35.54 -12.87 -22.24
CA ASP A 253 36.35 -12.70 -23.45
C ASP A 253 37.83 -13.00 -23.21
N ASP A 254 38.09 -14.19 -22.65
CA ASP A 254 39.45 -14.69 -22.43
C ASP A 254 40.25 -13.84 -21.44
N GLY A 255 39.56 -13.21 -20.50
CA GLY A 255 40.21 -12.39 -19.47
C GLY A 255 40.62 -11.01 -19.92
N ASN A 256 40.09 -10.55 -21.06
CA ASN A 256 40.43 -9.24 -21.60
C ASN A 256 39.32 -8.21 -21.40
N PHE A 257 38.54 -8.37 -20.33
CA PHE A 257 37.47 -7.44 -19.99
C PHE A 257 37.47 -7.27 -18.47
N PHE A 258 37.35 -6.02 -18.00
CA PHE A 258 37.50 -5.74 -16.58
C PHE A 258 36.50 -6.54 -15.75
N PRO A 259 36.94 -7.09 -14.60
CA PRO A 259 38.26 -6.99 -13.97
C PRO A 259 39.31 -7.95 -14.52
N GLY A 260 38.92 -8.91 -15.34
CA GLY A 260 39.84 -9.94 -15.86
C GLY A 260 39.69 -11.28 -15.17
N SER A 261 39.03 -11.30 -14.01
CA SER A 261 38.81 -12.53 -13.26
C SER A 261 37.47 -13.16 -13.63
N GLY A 262 37.21 -14.35 -13.08
CA GLY A 262 35.93 -15.02 -13.24
C GLY A 262 35.89 -16.07 -14.33
N ALA A 263 37.00 -16.76 -14.54
CA ALA A 263 37.05 -17.86 -15.50
C ALA A 263 36.17 -19.01 -15.02
N VAL A 264 35.61 -19.76 -15.97
CA VAL A 264 34.77 -20.92 -15.68
C VAL A 264 35.45 -21.91 -14.72
N ASP A 265 36.78 -22.02 -14.83
CA ASP A 265 37.57 -22.91 -13.96
C ASP A 265 37.48 -22.57 -12.49
N GLU A 266 37.25 -21.29 -12.19
CA GLU A 266 37.22 -20.79 -10.81
C GLU A 266 35.93 -21.22 -10.10
N VAL A 267 36.01 -22.39 -9.46
CA VAL A 267 34.86 -23.07 -8.88
C VAL A 267 34.75 -22.96 -7.36
N GLY A 268 35.73 -22.29 -6.73
CA GLY A 268 35.82 -22.26 -5.27
C GLY A 268 36.93 -23.20 -4.79
N ALA A 269 37.12 -23.27 -3.48
CA ALA A 269 38.21 -24.07 -2.92
C ALA A 269 37.89 -24.53 -1.51
N GLY A 270 38.55 -25.61 -1.10
CA GLY A 270 38.32 -26.20 0.22
C GLY A 270 36.90 -26.70 0.33
N SER A 271 36.23 -26.32 1.40
CA SER A 271 34.83 -26.70 1.60
C SER A 271 33.91 -26.04 0.57
N GLY A 272 34.33 -24.90 0.02
CA GLY A 272 33.54 -24.16 -0.96
C GLY A 272 33.70 -24.60 -2.42
N GLU A 273 34.39 -25.70 -2.68
CA GLU A 273 34.52 -26.20 -4.05
C GLU A 273 33.16 -26.47 -4.69
N GLY A 274 32.95 -25.88 -5.86
CA GLY A 274 31.70 -26.03 -6.58
C GLY A 274 30.64 -24.99 -6.27
N PHE A 275 30.85 -24.21 -5.21
CA PHE A 275 29.85 -23.20 -4.80
C PHE A 275 30.19 -21.79 -5.36
N ASN A 276 31.07 -21.75 -6.36
CA ASN A 276 31.32 -20.53 -7.13
C ASN A 276 31.10 -20.85 -8.62
N VAL A 277 30.10 -20.21 -9.23
CA VAL A 277 29.73 -20.51 -10.61
C VAL A 277 29.84 -19.27 -11.49
N ASN A 278 30.84 -19.26 -12.38
CA ASN A 278 31.03 -18.19 -13.32
C ASN A 278 30.51 -18.56 -14.70
N VAL A 279 29.38 -17.96 -15.08
CA VAL A 279 28.92 -18.04 -16.45
C VAL A 279 29.72 -16.97 -17.20
N ALA A 280 30.92 -17.36 -17.61
CA ALA A 280 31.85 -16.45 -18.24
C ALA A 280 31.64 -16.49 -19.76
N TRP A 281 30.95 -15.47 -20.28
CA TRP A 281 30.71 -15.36 -21.72
C TRP A 281 32.00 -15.09 -22.47
N ALA A 282 32.25 -15.87 -23.51
CA ALA A 282 33.39 -15.65 -24.41
C ALA A 282 32.88 -15.43 -25.83
N GLY A 283 33.80 -15.12 -26.75
CA GLY A 283 33.48 -14.97 -28.16
C GLY A 283 33.24 -13.54 -28.63
N GLY A 284 33.17 -12.61 -27.68
CA GLY A 284 33.01 -11.20 -28.00
C GLY A 284 31.58 -10.80 -28.32
N LEU A 285 31.45 -9.64 -28.96
CA LEU A 285 30.17 -8.96 -29.13
C LEU A 285 29.38 -9.42 -30.36
N ASP A 286 30.01 -10.19 -31.25
CA ASP A 286 29.40 -10.60 -32.51
C ASP A 286 29.42 -12.13 -32.63
N PRO A 287 28.24 -12.79 -32.70
CA PRO A 287 26.86 -12.27 -32.70
C PRO A 287 26.43 -11.59 -31.39
N PRO A 288 25.35 -10.80 -31.44
CA PRO A 288 24.93 -10.02 -30.26
C PRO A 288 24.59 -10.88 -29.05
N MET A 289 24.94 -10.37 -27.87
CA MET A 289 24.61 -11.03 -26.61
C MET A 289 23.45 -10.28 -25.98
N GLY A 290 22.37 -11.01 -25.69
CA GLY A 290 21.17 -10.39 -25.13
C GLY A 290 20.23 -11.38 -24.47
N ASP A 291 18.93 -11.18 -24.68
CA ASP A 291 17.91 -11.94 -23.97
C ASP A 291 17.97 -13.44 -24.20
N PRO A 292 18.10 -13.90 -25.45
CA PRO A 292 18.11 -15.35 -25.66
C PRO A 292 19.19 -16.05 -24.86
N GLU A 293 20.34 -15.40 -24.73
CA GLU A 293 21.51 -15.98 -24.08
C GLU A 293 21.35 -15.96 -22.56
N TYR A 294 20.85 -14.85 -22.04
CA TYR A 294 20.66 -14.69 -20.60
C TYR A 294 19.50 -15.55 -20.08
N LEU A 295 18.42 -15.62 -20.84
CA LEU A 295 17.32 -16.54 -20.55
C LEU A 295 17.83 -17.99 -20.57
N ALA A 296 18.63 -18.33 -21.58
CA ALA A 296 19.24 -19.66 -21.67
C ALA A 296 20.11 -19.95 -20.44
N ALA A 297 20.88 -18.96 -20.02
CA ALA A 297 21.73 -19.10 -18.84
C ALA A 297 20.90 -19.38 -17.60
N PHE A 298 19.74 -18.74 -17.50
CA PHE A 298 18.86 -18.96 -16.36
C PHE A 298 18.20 -20.34 -16.38
N ARG A 299 17.68 -20.75 -17.54
CA ARG A 299 17.07 -22.08 -17.69
C ARG A 299 18.03 -23.20 -17.35
N ILE A 300 19.27 -23.08 -17.84
CA ILE A 300 20.20 -24.19 -17.87
C ILE A 300 21.16 -24.21 -16.69
N VAL A 301 21.65 -23.04 -16.28
CA VAL A 301 22.64 -22.97 -15.21
C VAL A 301 22.10 -22.40 -13.89
N VAL A 302 21.67 -21.14 -13.91
CA VAL A 302 21.39 -20.40 -12.67
C VAL A 302 20.30 -21.04 -11.82
N MET A 303 19.12 -21.23 -12.41
CA MET A 303 17.98 -21.76 -11.66
C MET A 303 18.14 -23.22 -11.19
N PRO A 304 18.56 -24.12 -12.08
CA PRO A 304 18.74 -25.49 -11.58
C PRO A 304 19.76 -25.59 -10.43
N ILE A 305 20.90 -24.92 -10.55
CA ILE A 305 21.89 -24.93 -9.46
C ILE A 305 21.33 -24.27 -8.20
N ALA A 306 20.68 -23.12 -8.36
CA ALA A 306 20.06 -22.41 -7.25
C ALA A 306 19.05 -23.30 -6.50
N ARG A 307 18.23 -24.02 -7.26
CA ARG A 307 17.25 -24.94 -6.68
C ARG A 307 17.90 -26.12 -5.96
N GLU A 308 18.98 -26.63 -6.52
CA GLU A 308 19.73 -27.71 -5.88
C GLU A 308 20.39 -27.21 -4.60
N PHE A 309 20.86 -25.97 -4.61
CA PHE A 309 21.42 -25.32 -3.42
C PHE A 309 20.33 -25.03 -2.38
N SER A 310 19.20 -24.49 -2.85
CA SER A 310 18.03 -24.24 -2.00
C SER A 310 18.32 -23.24 -0.87
N PRO A 311 18.50 -21.95 -1.23
CA PRO A 311 18.85 -20.92 -0.25
C PRO A 311 17.67 -20.40 0.56
N ASP A 312 17.98 -19.78 1.70
CA ASP A 312 16.98 -19.14 2.56
C ASP A 312 16.80 -17.66 2.20
N LEU A 313 17.79 -17.09 1.51
CA LEU A 313 17.71 -15.72 1.04
C LEU A 313 18.56 -15.53 -0.21
N VAL A 314 18.04 -14.76 -1.16
CA VAL A 314 18.77 -14.44 -2.38
C VAL A 314 19.18 -12.97 -2.41
N LEU A 315 20.46 -12.73 -2.65
CA LEU A 315 20.99 -11.39 -2.85
C LEU A 315 21.37 -11.22 -4.32
N VAL A 316 21.07 -10.06 -4.89
CA VAL A 316 21.41 -9.80 -6.28
C VAL A 316 22.27 -8.53 -6.42
N SER A 317 23.48 -8.73 -6.93
CA SER A 317 24.29 -7.63 -7.43
C SER A 317 23.71 -7.24 -8.78
N ALA A 318 22.76 -6.29 -8.76
CA ALA A 318 21.98 -5.94 -9.92
C ALA A 318 22.56 -4.74 -10.67
N GLY A 319 23.62 -5.00 -11.45
CA GLY A 319 24.13 -4.02 -12.39
C GLY A 319 23.30 -4.08 -13.66
N PHE A 320 23.17 -2.95 -14.35
CA PHE A 320 22.41 -2.90 -15.60
C PHE A 320 23.25 -2.46 -16.79
N ASP A 321 24.55 -2.76 -16.73
CA ASP A 321 25.48 -2.44 -17.82
C ASP A 321 25.55 -3.53 -18.90
N ALA A 322 24.76 -4.59 -18.75
CA ALA A 322 24.54 -5.56 -19.83
C ALA A 322 23.37 -5.09 -20.71
N ALA A 323 22.68 -4.04 -20.26
CA ALA A 323 21.56 -3.48 -20.99
C ALA A 323 21.98 -2.78 -22.27
N GLU A 324 21.01 -2.59 -23.15
CA GLU A 324 21.16 -1.81 -24.37
C GLU A 324 21.56 -0.38 -24.00
N GLY A 325 22.40 0.24 -24.82
CA GLY A 325 22.88 1.61 -24.57
C GLY A 325 24.25 1.71 -23.93
N HIS A 326 24.92 0.57 -23.73
CA HIS A 326 26.29 0.55 -23.24
C HIS A 326 27.17 0.00 -24.34
N PRO A 327 27.97 0.87 -24.98
CA PRO A 327 28.79 0.42 -26.09
C PRO A 327 30.07 -0.25 -25.60
N ALA A 328 30.83 -0.83 -26.52
CA ALA A 328 32.15 -1.37 -26.19
C ALA A 328 33.11 -0.20 -25.89
N PRO A 329 33.98 -0.34 -24.87
CA PRO A 329 34.14 -1.41 -23.89
C PRO A 329 33.62 -1.03 -22.51
N LEU A 330 32.33 -0.69 -22.43
CA LEU A 330 31.63 -0.60 -21.15
C LEU A 330 30.78 -1.84 -20.94
N GLY A 331 30.16 -2.32 -22.01
CA GLY A 331 29.31 -3.52 -21.97
C GLY A 331 29.21 -4.15 -23.35
N GLY A 332 28.39 -3.55 -24.22
CA GLY A 332 28.23 -4.01 -25.60
C GLY A 332 27.17 -5.08 -25.78
N TYR A 333 26.39 -5.32 -24.72
CA TYR A 333 25.36 -6.36 -24.70
C TYR A 333 23.99 -5.74 -24.89
N HIS A 334 22.98 -6.57 -25.15
CA HIS A 334 21.67 -6.09 -25.58
C HIS A 334 20.53 -6.67 -24.73
N VAL A 335 20.72 -6.71 -23.41
CA VAL A 335 19.69 -7.24 -22.52
C VAL A 335 18.61 -6.19 -22.31
N SER A 336 17.35 -6.57 -22.53
CA SER A 336 16.24 -5.63 -22.41
C SER A 336 15.76 -5.52 -20.97
N ALA A 337 15.04 -4.43 -20.69
CA ALA A 337 14.42 -4.21 -19.38
C ALA A 337 13.46 -5.34 -18.98
N LYS A 338 12.72 -5.85 -19.96
CA LYS A 338 11.74 -6.91 -19.73
C LYS A 338 12.44 -8.18 -19.21
N CYS A 339 13.60 -8.47 -19.79
CA CYS A 339 14.40 -9.62 -19.42
C CYS A 339 14.95 -9.52 -17.98
N PHE A 340 15.37 -8.32 -17.60
CA PHE A 340 15.85 -8.07 -16.23
C PHE A 340 14.75 -8.31 -15.19
N GLY A 341 13.55 -7.81 -15.49
CA GLY A 341 12.40 -8.00 -14.61
C GLY A 341 11.94 -9.46 -14.58
N TYR A 342 12.13 -10.17 -15.68
CA TYR A 342 11.78 -11.58 -15.73
C TYR A 342 12.77 -12.43 -14.95
N MET A 343 14.04 -12.07 -15.00
CA MET A 343 15.07 -12.75 -14.20
C MET A 343 14.80 -12.56 -12.72
N THR A 344 14.36 -11.35 -12.36
CA THR A 344 13.98 -11.06 -10.98
C THR A 344 12.82 -11.94 -10.56
N GLN A 345 11.82 -12.03 -11.42
CA GLN A 345 10.65 -12.88 -11.21
C GLN A 345 11.06 -14.34 -11.00
N GLN A 346 12.06 -14.81 -11.75
CA GLN A 346 12.54 -16.19 -11.64
C GLN A 346 13.27 -16.42 -10.32
N LEU A 347 14.06 -15.44 -9.89
CA LEU A 347 14.73 -15.53 -8.59
C LEU A 347 13.74 -15.45 -7.43
N MET A 348 12.57 -14.87 -7.65
CA MET A 348 11.54 -14.77 -6.60
C MET A 348 10.87 -16.11 -6.26
N ASN A 349 11.07 -17.12 -7.11
CA ASN A 349 10.59 -18.47 -6.80
C ASN A 349 11.45 -19.19 -5.75
N LEU A 350 12.64 -18.66 -5.49
CA LEU A 350 13.57 -19.22 -4.50
C LEU A 350 13.40 -18.57 -3.13
N ALA A 351 13.85 -19.27 -2.09
CA ALA A 351 13.99 -18.73 -0.75
C ALA A 351 12.70 -18.12 -0.20
N GLY A 352 11.56 -18.74 -0.51
CA GLY A 352 10.25 -18.21 -0.12
C GLY A 352 9.98 -16.78 -0.57
N GLY A 353 10.67 -16.33 -1.62
CA GLY A 353 10.53 -14.96 -2.14
C GLY A 353 11.42 -13.94 -1.46
N ALA A 354 12.34 -14.41 -0.62
CA ALA A 354 13.27 -13.52 0.08
C ALA A 354 14.38 -13.07 -0.87
N VAL A 355 14.13 -11.97 -1.57
CA VAL A 355 15.03 -11.48 -2.60
C VAL A 355 15.41 -10.00 -2.37
N VAL A 356 16.69 -9.69 -2.49
CA VAL A 356 17.17 -8.31 -2.34
C VAL A 356 18.11 -7.95 -3.48
N LEU A 357 17.73 -6.96 -4.27
CA LEU A 357 18.60 -6.44 -5.33
C LEU A 357 19.34 -5.21 -4.83
N ALA A 358 20.57 -5.03 -5.30
CA ALA A 358 21.37 -3.87 -4.96
C ALA A 358 22.04 -3.36 -6.23
N LEU A 359 21.83 -2.08 -6.53
CA LEU A 359 22.40 -1.48 -7.74
C LEU A 359 23.91 -1.58 -7.68
N GLU A 360 24.50 -2.05 -8.77
CA GLU A 360 25.94 -2.02 -8.95
C GLU A 360 26.18 -1.05 -10.10
N GLY A 361 26.48 -1.56 -11.30
CA GLY A 361 26.84 -0.72 -12.43
C GLY A 361 25.65 -0.35 -13.32
N GLY A 362 25.94 0.31 -14.43
CA GLY A 362 24.94 0.83 -15.34
C GLY A 362 25.09 2.34 -15.47
N HIS A 363 25.24 2.81 -16.71
CA HIS A 363 25.51 4.22 -16.99
C HIS A 363 24.37 4.89 -17.78
N ASP A 364 24.08 4.38 -18.98
CA ASP A 364 23.01 4.93 -19.81
C ASP A 364 21.73 5.08 -18.98
N LEU A 365 21.30 6.33 -18.79
CA LEU A 365 20.25 6.67 -17.83
C LEU A 365 18.91 5.98 -18.12
N THR A 366 18.44 6.06 -19.36
CA THR A 366 17.14 5.48 -19.71
C THR A 366 17.17 3.95 -19.58
N ALA A 367 18.28 3.34 -19.97
CA ALA A 367 18.45 1.89 -19.91
C ALA A 367 18.42 1.38 -18.47
N ILE A 368 19.16 2.05 -17.59
CA ILE A 368 19.18 1.65 -16.18
C ILE A 368 17.88 2.02 -15.48
N CYS A 369 17.20 3.06 -15.97
CA CYS A 369 15.88 3.42 -15.49
C CYS A 369 14.82 2.42 -15.95
N ASP A 370 14.86 2.04 -17.23
CA ASP A 370 14.00 0.99 -17.79
C ASP A 370 14.13 -0.28 -16.96
N ALA A 371 15.37 -0.74 -16.81
CA ALA A 371 15.66 -2.01 -16.13
C ALA A 371 15.23 -1.99 -14.67
N SER A 372 15.65 -0.95 -13.96
CA SER A 372 15.28 -0.78 -12.55
C SER A 372 13.77 -0.76 -12.35
N GLU A 373 13.07 -0.09 -13.27
CA GLU A 373 11.61 -0.05 -13.27
C GLU A 373 11.03 -1.46 -13.41
N ALA A 374 11.58 -2.25 -14.34
CA ALA A 374 11.10 -3.60 -14.57
C ALA A 374 11.39 -4.55 -13.40
N CYS A 375 12.49 -4.31 -12.69
CA CYS A 375 12.85 -5.16 -11.55
C CYS A 375 11.94 -4.90 -10.36
N VAL A 376 11.65 -3.62 -10.10
CA VAL A 376 10.77 -3.24 -9.00
C VAL A 376 9.36 -3.75 -9.24
N ALA A 377 8.87 -3.62 -10.47
CA ALA A 377 7.55 -4.14 -10.86
C ALA A 377 7.45 -5.65 -10.63
N ALA A 378 8.50 -6.38 -10.99
CA ALA A 378 8.58 -7.83 -10.71
C ALA A 378 8.50 -8.10 -9.22
N LEU A 379 9.28 -7.36 -8.44
CA LEU A 379 9.27 -7.45 -6.98
C LEU A 379 7.87 -7.22 -6.40
N LEU A 380 7.11 -6.30 -6.98
CA LEU A 380 5.75 -6.00 -6.51
C LEU A 380 4.72 -7.03 -6.97
N GLY A 381 5.14 -7.99 -7.79
CA GLY A 381 4.30 -9.13 -8.15
C GLY A 381 3.85 -9.16 -9.60
N ASN A 382 4.06 -8.06 -10.31
CA ASN A 382 3.70 -8.01 -11.74
C ASN A 382 4.53 -9.04 -12.51
N ARG A 383 3.88 -9.75 -13.44
CA ARG A 383 4.46 -10.91 -14.09
C ARG A 383 4.73 -10.64 -15.56
N VAL A 384 5.77 -11.27 -16.09
CA VAL A 384 6.13 -11.13 -17.50
C VAL A 384 5.73 -12.39 -18.26
N ASP A 385 4.89 -12.22 -19.28
CA ASP A 385 4.48 -13.31 -20.15
C ASP A 385 5.59 -13.57 -21.17
N PRO A 386 6.28 -14.73 -21.08
CA PRO A 386 7.37 -15.03 -22.02
C PRO A 386 6.92 -15.19 -23.48
N LEU A 387 5.63 -15.44 -23.70
CA LEU A 387 5.08 -15.55 -25.05
C LEU A 387 4.72 -14.18 -25.65
N SER A 388 4.92 -13.10 -24.90
CA SER A 388 4.53 -11.78 -25.36
C SER A 388 5.62 -11.07 -26.17
N GLU A 389 6.74 -11.74 -26.40
CA GLU A 389 7.90 -11.12 -27.02
C GLU A 389 8.58 -12.04 -28.03
N GLU A 390 8.44 -11.73 -29.31
CA GLU A 390 9.24 -12.38 -30.35
C GLU A 390 10.69 -11.97 -30.11
N GLY A 391 11.63 -12.81 -30.51
CA GLY A 391 13.04 -12.58 -30.20
C GLY A 391 13.46 -13.45 -29.02
N TRP A 392 12.58 -13.59 -28.04
CA TRP A 392 12.74 -14.61 -27.00
C TRP A 392 12.52 -15.99 -27.61
N LYS A 393 11.91 -16.03 -28.79
CA LYS A 393 11.75 -17.25 -29.56
C LYS A 393 13.03 -17.65 -30.31
N GLN A 394 14.01 -16.74 -30.38
CA GLN A 394 15.26 -17.03 -31.07
C GLN A 394 16.19 -17.89 -30.20
N LYS A 395 16.83 -18.86 -30.83
CA LYS A 395 17.82 -19.69 -30.14
C LYS A 395 19.01 -18.83 -29.75
N PRO A 396 19.65 -19.14 -28.61
CA PRO A 396 20.84 -18.38 -28.22
C PRO A 396 21.99 -18.63 -29.19
N ASN A 397 22.86 -17.64 -29.37
CA ASN A 397 23.95 -17.74 -30.34
C ASN A 397 25.01 -18.75 -29.92
N LEU A 398 25.85 -19.15 -30.88
CA LEU A 398 26.80 -20.23 -30.72
C LEU A 398 27.88 -19.95 -29.66
N ASN A 399 28.23 -18.68 -29.47
CA ASN A 399 29.21 -18.31 -28.44
C ASN A 399 28.66 -18.53 -27.04
N ALA A 400 27.39 -18.18 -26.84
CA ALA A 400 26.74 -18.40 -25.56
C ALA A 400 26.55 -19.89 -25.27
N ILE A 401 26.26 -20.67 -26.32
CA ILE A 401 26.09 -22.12 -26.16
C ILE A 401 27.41 -22.79 -25.76
N ARG A 402 28.51 -22.39 -26.39
CA ARG A 402 29.83 -22.91 -26.02
C ARG A 402 30.25 -22.46 -24.63
N SER A 403 29.89 -21.23 -24.28
CA SER A 403 30.19 -20.68 -22.96
C SER A 403 29.50 -21.49 -21.87
N LEU A 404 28.20 -21.73 -22.06
CA LEU A 404 27.41 -22.52 -21.14
C LEU A 404 27.87 -23.97 -21.12
N GLU A 405 28.26 -24.48 -22.29
CA GLU A 405 28.79 -25.84 -22.39
C GLU A 405 30.03 -26.01 -21.51
N ALA A 406 30.90 -25.00 -21.49
CA ALA A 406 32.08 -25.02 -20.63
C ALA A 406 31.71 -24.96 -19.15
N VAL A 407 30.69 -24.17 -18.80
CA VAL A 407 30.21 -24.10 -17.42
C VAL A 407 29.69 -25.46 -16.97
N ILE A 408 28.94 -26.13 -17.85
CA ILE A 408 28.37 -27.42 -17.53
C ILE A 408 29.44 -28.50 -17.40
N ARG A 409 30.46 -28.45 -18.26
CA ARG A 409 31.55 -29.42 -18.20
C ARG A 409 32.28 -29.34 -16.86
N VAL A 410 32.53 -28.12 -16.39
CA VAL A 410 33.26 -27.90 -15.14
C VAL A 410 32.43 -28.30 -13.92
N HIS A 411 31.17 -27.88 -13.89
CA HIS A 411 30.33 -28.05 -12.70
C HIS A 411 29.57 -29.36 -12.63
N SER A 412 29.76 -30.24 -13.61
CA SER A 412 29.23 -31.61 -13.53
C SER A 412 30.00 -32.42 -12.49
N LYS A 413 31.16 -31.92 -12.05
CA LYS A 413 31.89 -32.52 -10.95
C LYS A 413 31.18 -32.31 -9.60
N TYR A 414 30.36 -31.27 -9.52
CA TYR A 414 29.81 -30.81 -8.25
C TYR A 414 28.27 -30.81 -8.14
N TRP A 415 27.56 -30.73 -9.27
CA TRP A 415 26.10 -30.59 -9.22
C TRP A 415 25.38 -31.63 -10.05
N GLY A 416 24.41 -32.32 -9.44
CA GLY A 416 23.63 -33.35 -10.12
C GLY A 416 22.91 -32.86 -11.36
N CYS A 417 22.38 -31.64 -11.30
CA CYS A 417 21.66 -31.07 -12.45
C CYS A 417 22.60 -30.71 -13.61
N MET A 418 23.91 -30.68 -13.36
CA MET A 418 24.90 -30.49 -14.42
C MET A 418 25.46 -31.81 -14.96
N GLN A 419 25.19 -32.93 -14.27
CA GLN A 419 25.72 -34.23 -14.64
C GLN A 419 24.86 -34.94 -15.69
N ARG A 420 25.21 -34.76 -16.97
CA ARG A 420 24.50 -35.44 -18.06
C ARG A 420 25.28 -36.66 -18.54
N LEU A 421 24.74 -37.32 -19.55
CA LEU A 421 25.34 -38.53 -20.11
C LEU A 421 26.39 -38.15 -21.17
N PHE B 38 -22.72 10.37 7.03
CA PHE B 38 -21.81 10.61 5.88
C PHE B 38 -22.00 12.01 5.32
N THR B 39 -21.07 12.91 5.63
CA THR B 39 -21.23 14.33 5.33
C THR B 39 -20.31 14.76 4.18
N THR B 40 -20.75 15.77 3.44
CA THR B 40 -19.99 16.29 2.31
C THR B 40 -19.13 17.45 2.81
N GLY B 41 -17.86 17.45 2.45
CA GLY B 41 -16.93 18.50 2.87
C GLY B 41 -16.84 19.65 1.89
N LEU B 42 -16.50 20.83 2.40
CA LEU B 42 -16.25 22.01 1.58
C LEU B 42 -14.96 22.69 2.00
N ILE B 43 -14.18 23.14 1.01
CA ILE B 43 -12.96 23.89 1.27
C ILE B 43 -13.07 25.31 0.74
N TYR B 44 -12.74 26.27 1.60
CA TYR B 44 -12.69 27.68 1.21
C TYR B 44 -11.93 28.47 2.27
N ASP B 45 -11.15 29.46 1.83
CA ASP B 45 -10.49 30.37 2.75
C ASP B 45 -10.07 31.67 2.08
N SER B 46 -10.17 32.76 2.83
CA SER B 46 -9.86 34.11 2.35
C SER B 46 -8.41 34.29 1.88
N VAL B 47 -7.52 33.37 2.25
CA VAL B 47 -6.14 33.39 1.76
C VAL B 47 -6.10 33.41 0.23
N MET B 48 -6.94 32.60 -0.40
CA MET B 48 -6.96 32.48 -1.85
C MET B 48 -7.54 33.70 -2.56
N LEU B 49 -8.16 34.62 -1.82
CA LEU B 49 -8.69 35.85 -2.41
C LEU B 49 -7.61 36.84 -2.79
N LYS B 50 -6.46 36.76 -2.13
CA LYS B 50 -5.40 37.77 -2.26
C LYS B 50 -4.51 37.57 -3.49
N HIS B 51 -4.69 36.46 -4.20
CA HIS B 51 -4.07 36.25 -5.51
C HIS B 51 -4.69 37.22 -6.51
N GLN B 52 -4.03 38.36 -6.69
CA GLN B 52 -4.55 39.45 -7.50
C GLN B 52 -3.37 40.22 -8.04
N CYS B 53 -3.43 40.60 -9.31
CA CYS B 53 -2.43 41.48 -9.90
C CYS B 53 -2.36 42.78 -9.11
N SER B 54 -1.20 43.44 -9.16
CA SER B 54 -1.01 44.68 -8.41
C SER B 54 -1.68 45.89 -9.05
N CYS B 55 -2.13 45.76 -10.31
CA CYS B 55 -2.83 46.86 -10.99
C CYS B 55 -4.27 47.03 -10.49
N GLY B 56 -4.81 46.00 -9.83
CA GLY B 56 -6.13 46.09 -9.22
C GLY B 56 -7.23 46.26 -10.26
N ASP B 57 -7.37 45.25 -11.11
CA ASP B 57 -8.34 45.30 -12.20
C ASP B 57 -8.77 43.88 -12.57
N ASN B 58 -9.99 43.52 -12.20
CA ASN B 58 -10.53 42.20 -12.50
C ASN B 58 -11.11 42.10 -13.91
N SER B 59 -11.13 43.22 -14.64
CA SER B 59 -11.58 43.24 -16.03
C SER B 59 -10.54 42.55 -16.92
N ARG B 60 -9.31 43.04 -16.90
CA ARG B 60 -8.24 42.46 -17.72
C ARG B 60 -7.60 41.21 -17.12
N HIS B 61 -7.92 40.91 -15.86
CA HIS B 61 -7.43 39.69 -15.19
C HIS B 61 -8.62 38.85 -14.73
N PRO B 62 -9.21 38.09 -15.65
CA PRO B 62 -10.50 37.43 -15.44
C PRO B 62 -10.50 36.25 -14.46
N GLU B 63 -9.33 35.65 -14.18
CA GLU B 63 -9.20 34.68 -13.10
C GLU B 63 -9.10 35.47 -11.79
N HIS B 64 -10.23 35.97 -11.31
CA HIS B 64 -10.25 36.90 -10.19
C HIS B 64 -10.89 36.31 -8.93
N ALA B 65 -10.68 37.01 -7.82
CA ALA B 65 -11.13 36.58 -6.49
C ALA B 65 -12.65 36.41 -6.37
N GLY B 66 -13.39 37.21 -7.13
CA GLY B 66 -14.85 37.11 -7.16
C GLY B 66 -15.35 35.73 -7.55
N ARG B 67 -14.53 34.96 -8.26
CA ARG B 67 -14.91 33.61 -8.69
C ARG B 67 -15.28 32.71 -7.51
N ILE B 68 -14.34 32.51 -6.58
CA ILE B 68 -14.60 31.68 -5.40
C ILE B 68 -15.49 32.38 -4.37
N GLN B 69 -15.36 33.71 -4.26
CA GLN B 69 -16.15 34.47 -3.30
C GLN B 69 -17.66 34.36 -3.60
N SER B 70 -18.03 34.51 -4.86
CA SER B 70 -19.44 34.45 -5.27
C SER B 70 -20.02 33.04 -5.12
N ILE B 71 -19.24 32.02 -5.49
CA ILE B 71 -19.65 30.63 -5.29
C ILE B 71 -19.92 30.35 -3.81
N TRP B 72 -19.02 30.83 -2.95
CA TRP B 72 -19.09 30.57 -1.51
C TRP B 72 -20.32 31.20 -0.86
N SER B 73 -20.70 32.40 -1.30
CA SER B 73 -21.92 33.04 -0.81
C SER B 73 -23.17 32.41 -1.44
N ARG B 74 -23.04 31.88 -2.65
CA ARG B 74 -24.15 31.17 -3.30
C ARG B 74 -24.52 29.92 -2.51
N LEU B 75 -23.51 29.17 -2.07
CA LEU B 75 -23.73 27.95 -1.28
C LEU B 75 -24.40 28.27 0.08
N GLN B 76 -24.16 29.47 0.59
CA GLN B 76 -24.82 29.93 1.81
C GLN B 76 -26.25 30.35 1.52
N GLU B 77 -26.43 31.14 0.46
CA GLU B 77 -27.75 31.67 0.08
C GLU B 77 -28.80 30.59 -0.12
N ARG B 78 -28.40 29.46 -0.69
CA ARG B 78 -29.31 28.35 -0.96
C ARG B 78 -29.35 27.33 0.18
N GLY B 79 -28.60 27.58 1.25
CA GLY B 79 -28.60 26.73 2.43
C GLY B 79 -27.91 25.38 2.25
N LEU B 80 -26.91 25.33 1.37
CA LEU B 80 -26.12 24.11 1.18
C LEU B 80 -24.91 24.09 2.10
N ARG B 81 -24.33 25.27 2.34
CA ARG B 81 -23.14 25.38 3.19
C ARG B 81 -23.39 24.74 4.56
N SER B 82 -24.51 25.10 5.20
CA SER B 82 -24.84 24.58 6.53
C SER B 82 -24.98 23.06 6.58
N GLN B 83 -25.30 22.44 5.45
CA GLN B 83 -25.39 20.98 5.38
C GLN B 83 -24.02 20.31 5.18
N CYS B 84 -22.93 21.09 5.21
CA CYS B 84 -21.60 20.58 4.95
C CYS B 84 -20.60 20.85 6.07
N GLU B 85 -19.64 19.95 6.23
CA GLU B 85 -18.47 20.16 7.08
C GLU B 85 -17.49 21.10 6.36
N CYS B 86 -17.37 22.34 6.85
CA CYS B 86 -16.49 23.34 6.24
C CYS B 86 -15.08 23.29 6.80
N LEU B 87 -14.10 23.41 5.90
CA LEU B 87 -12.68 23.32 6.27
C LEU B 87 -11.94 24.52 5.68
N ARG B 88 -10.86 24.93 6.35
CA ARG B 88 -10.04 26.04 5.86
C ARG B 88 -9.00 25.58 4.84
N GLY B 89 -8.56 24.33 4.97
CA GLY B 89 -7.43 23.83 4.22
C GLY B 89 -6.14 24.32 4.86
N ARG B 90 -5.07 24.35 4.07
CA ARG B 90 -3.74 24.74 4.55
C ARG B 90 -2.80 24.89 3.37
N LYS B 91 -1.59 25.39 3.62
CA LYS B 91 -0.54 25.41 2.60
C LYS B 91 0.00 24.00 2.39
N ALA B 92 0.20 23.63 1.14
CA ALA B 92 1.00 22.45 0.80
C ALA B 92 2.45 22.70 1.24
N SER B 93 3.11 21.65 1.72
CA SER B 93 4.54 21.74 2.04
C SER B 93 5.35 21.73 0.75
N LEU B 94 6.62 22.09 0.86
CA LEU B 94 7.52 22.03 -0.30
C LEU B 94 7.68 20.58 -0.80
N GLU B 95 7.77 19.64 0.14
CA GLU B 95 7.87 18.21 -0.19
C GLU B 95 6.63 17.70 -0.95
N GLU B 96 5.45 18.13 -0.53
CA GLU B 96 4.21 17.76 -1.21
C GLU B 96 4.17 18.28 -2.65
N LEU B 97 4.54 19.54 -2.83
CA LEU B 97 4.62 20.15 -4.16
C LEU B 97 5.59 19.43 -5.09
N GLN B 98 6.71 18.95 -4.52
CA GLN B 98 7.77 18.29 -5.30
C GLN B 98 7.44 16.86 -5.71
N SER B 99 6.31 16.33 -5.26
CA SER B 99 5.85 15.02 -5.71
C SER B 99 5.29 15.11 -7.14
N VAL B 100 5.15 16.32 -7.65
CA VAL B 100 4.69 16.57 -9.02
C VAL B 100 5.63 17.50 -9.78
N HIS B 101 6.08 18.57 -9.12
CA HIS B 101 6.87 19.62 -9.77
C HIS B 101 8.33 19.56 -9.39
N SER B 102 9.16 20.17 -10.23
CA SER B 102 10.60 20.18 -10.04
C SER B 102 11.00 21.06 -8.86
N GLU B 103 12.25 20.91 -8.44
CA GLU B 103 12.76 21.67 -7.30
C GLU B 103 12.84 23.17 -7.60
N ARG B 104 13.40 23.51 -8.76
CA ARG B 104 13.50 24.91 -9.17
C ARG B 104 12.11 25.57 -9.24
N HIS B 105 11.12 24.85 -9.77
CA HIS B 105 9.74 25.36 -9.88
C HIS B 105 9.10 25.62 -8.51
N VAL B 106 9.33 24.70 -7.57
CA VAL B 106 8.84 24.83 -6.20
C VAL B 106 9.52 25.99 -5.46
N LEU B 107 10.83 26.13 -5.62
CA LEU B 107 11.56 27.26 -5.04
C LEU B 107 11.06 28.61 -5.60
N LEU B 108 10.74 28.62 -6.89
CA LEU B 108 10.34 29.83 -7.59
C LEU B 108 8.96 30.35 -7.16
N TYR B 109 7.98 29.47 -7.10
CA TYR B 109 6.60 29.88 -6.79
C TYR B 109 6.13 29.51 -5.38
N GLY B 110 6.94 28.74 -4.65
CA GLY B 110 6.55 28.23 -3.33
C GLY B 110 7.20 28.91 -2.13
N THR B 111 8.13 29.82 -2.39
CA THR B 111 8.78 30.58 -1.32
C THR B 111 8.69 32.07 -1.63
N ASN B 112 8.99 32.90 -0.63
CA ASN B 112 9.00 34.36 -0.79
C ASN B 112 10.34 34.96 -0.36
N PRO B 113 10.86 35.93 -1.15
CA PRO B 113 12.04 36.67 -0.71
C PRO B 113 11.65 37.81 0.21
N LEU B 114 12.18 37.89 1.44
CA LEU B 114 13.06 36.88 2.04
C LEU B 114 12.23 36.11 3.08
N SER B 115 12.08 34.80 2.87
CA SER B 115 11.30 33.97 3.78
C SER B 115 12.07 33.73 5.08
N ARG B 116 11.44 33.01 6.00
CA ARG B 116 12.12 32.49 7.19
C ARG B 116 12.73 31.11 6.92
N LEU B 117 12.74 30.70 5.65
CA LEU B 117 13.29 29.40 5.24
C LEU B 117 14.81 29.38 5.38
N LYS B 118 15.35 28.25 5.82
CA LYS B 118 16.78 28.07 5.98
C LYS B 118 17.34 27.28 4.80
N LEU B 119 17.09 27.78 3.59
CA LEU B 119 17.69 27.22 2.38
C LEU B 119 19.20 27.44 2.42
N ASP B 120 19.96 26.44 1.94
CA ASP B 120 21.40 26.57 1.79
C ASP B 120 21.74 27.60 0.72
N ASN B 121 22.95 28.13 0.77
CA ASN B 121 23.38 29.19 -0.12
C ASN B 121 23.39 28.81 -1.61
N GLY B 122 23.52 27.51 -1.89
CA GLY B 122 23.39 27.02 -3.26
C GLY B 122 22.05 27.36 -3.87
N LYS B 123 20.97 27.17 -3.10
CA LYS B 123 19.62 27.47 -3.56
C LYS B 123 19.38 28.99 -3.60
N LEU B 124 19.87 29.70 -2.59
CA LEU B 124 19.73 31.15 -2.55
C LEU B 124 20.43 31.82 -3.73
N ALA B 125 21.64 31.35 -4.04
CA ALA B 125 22.41 31.87 -5.17
C ALA B 125 21.72 31.61 -6.50
N GLY B 126 21.07 30.45 -6.63
CA GLY B 126 20.32 30.10 -7.82
C GLY B 126 19.12 31.01 -8.05
N LEU B 127 18.50 31.44 -6.96
CA LEU B 127 17.35 32.34 -7.04
C LEU B 127 17.77 33.78 -7.34
N LEU B 128 18.99 34.15 -6.95
CA LEU B 128 19.57 35.45 -7.32
C LEU B 128 19.81 35.55 -8.82
N ALA B 129 20.03 34.41 -9.47
CA ALA B 129 20.29 34.38 -10.92
C ALA B 129 19.04 34.72 -11.74
N GLN B 130 17.86 34.35 -11.24
CA GLN B 130 16.59 34.63 -11.92
C GLN B 130 16.19 36.10 -11.76
N VAL B 134 8.66 38.92 -15.10
CA VAL B 134 8.28 39.51 -16.38
C VAL B 134 7.27 40.65 -16.18
N MET B 135 7.54 41.77 -16.83
CA MET B 135 6.70 42.97 -16.72
C MET B 135 5.48 42.81 -17.62
N LEU B 136 4.35 43.31 -17.15
CA LEU B 136 3.09 43.26 -17.91
C LEU B 136 2.73 44.66 -18.40
N PRO B 137 1.94 44.74 -19.49
CA PRO B 137 1.42 46.02 -20.00
C PRO B 137 0.77 46.89 -18.92
N CYS B 138 0.10 46.26 -17.97
CA CYS B 138 -0.59 46.96 -16.88
C CYS B 138 0.34 47.43 -15.77
N GLY B 139 1.62 47.04 -15.84
CA GLY B 139 2.61 47.43 -14.84
C GLY B 139 2.86 46.38 -13.77
N GLY B 140 1.93 45.44 -13.61
CA GLY B 140 2.09 44.34 -12.66
C GLY B 140 3.11 43.32 -13.13
N VAL B 141 3.45 42.39 -12.23
CA VAL B 141 4.39 41.31 -12.52
C VAL B 141 3.61 40.06 -12.88
N GLY B 142 4.24 39.16 -13.62
CA GLY B 142 3.63 37.85 -13.92
C GLY B 142 4.60 36.84 -14.49
N VAL B 143 4.12 35.63 -14.76
CA VAL B 143 4.94 34.61 -15.44
C VAL B 143 4.80 34.80 -16.96
N ASP B 144 3.58 35.10 -17.40
CA ASP B 144 3.31 35.55 -18.77
C ASP B 144 2.15 36.53 -18.70
N THR B 145 1.63 36.96 -19.84
CA THR B 145 0.58 38.00 -19.87
C THR B 145 -0.73 37.60 -19.17
N ASP B 146 -1.04 36.31 -19.09
CA ASP B 146 -2.26 35.85 -18.43
C ASP B 146 -2.03 35.45 -16.97
N THR B 147 -0.93 34.74 -16.72
CA THR B 147 -0.63 34.20 -15.40
C THR B 147 0.10 35.25 -14.55
N ILE B 148 -0.67 35.99 -13.74
CA ILE B 148 -0.13 37.11 -12.96
C ILE B 148 0.59 36.64 -11.69
N TRP B 149 1.42 37.51 -11.13
CA TRP B 149 2.12 37.20 -9.89
C TRP B 149 2.05 38.35 -8.91
N ASN B 150 1.31 38.15 -7.83
CA ASN B 150 1.37 39.06 -6.68
C ASN B 150 2.61 38.71 -5.83
N GLU B 151 3.53 39.65 -5.69
CA GLU B 151 4.80 39.40 -4.98
C GLU B 151 4.65 39.15 -3.48
N LEU B 152 3.50 39.49 -2.91
CA LEU B 152 3.21 39.24 -1.50
C LEU B 152 2.31 38.03 -1.27
N HIS B 153 1.36 37.80 -2.17
CA HIS B 153 0.21 36.93 -1.86
C HIS B 153 0.02 35.69 -2.75
N SER B 154 0.66 35.65 -3.92
CA SER B 154 0.40 34.58 -4.87
C SER B 154 0.94 33.22 -4.45
N SER B 155 2.13 33.21 -3.86
CA SER B 155 2.76 31.96 -3.41
C SER B 155 1.91 31.30 -2.34
N ASN B 156 1.46 32.08 -1.37
CA ASN B 156 0.56 31.57 -0.33
C ASN B 156 -0.73 30.99 -0.92
N ALA B 157 -1.35 31.73 -1.83
CA ALA B 157 -2.64 31.34 -2.40
C ALA B 157 -2.54 30.05 -3.20
N ALA B 158 -1.51 29.96 -4.04
CA ALA B 158 -1.28 28.77 -4.85
C ALA B 158 -0.98 27.54 -3.98
N ARG B 159 -0.11 27.72 -2.97
CA ARG B 159 0.18 26.64 -2.02
C ARG B 159 -1.08 26.25 -1.23
N TRP B 160 -1.93 27.22 -0.94
CA TRP B 160 -3.15 26.97 -0.18
C TRP B 160 -4.14 26.12 -0.97
N ALA B 161 -4.24 26.40 -2.28
CA ALA B 161 -5.11 25.60 -3.16
C ALA B 161 -4.67 24.15 -3.20
N ALA B 162 -3.38 23.92 -3.44
CA ALA B 162 -2.82 22.57 -3.48
C ALA B 162 -3.03 21.83 -2.15
N GLY B 163 -2.67 22.47 -1.04
CA GLY B 163 -2.84 21.87 0.28
C GLY B 163 -4.29 21.58 0.64
N SER B 164 -5.19 22.47 0.24
CA SER B 164 -6.61 22.35 0.53
C SER B 164 -7.27 21.15 -0.18
N VAL B 165 -7.04 21.03 -1.48
CA VAL B 165 -7.55 19.90 -2.25
C VAL B 165 -6.97 18.61 -1.67
N THR B 166 -5.67 18.62 -1.38
CA THR B 166 -5.00 17.48 -0.74
C THR B 166 -5.68 17.10 0.56
N ASP B 167 -5.88 18.08 1.45
CA ASP B 167 -6.53 17.81 2.74
C ASP B 167 -7.94 17.26 2.59
N LEU B 168 -8.71 17.81 1.65
CA LEU B 168 -10.07 17.34 1.41
C LEU B 168 -10.05 15.88 0.95
N ALA B 169 -9.10 15.56 0.06
CA ALA B 169 -8.96 14.21 -0.46
C ALA B 169 -8.59 13.18 0.61
N PHE B 170 -7.70 13.55 1.53
CA PHE B 170 -7.30 12.65 2.62
C PHE B 170 -8.48 12.28 3.53
N LYS B 171 -9.27 13.28 3.91
CA LYS B 171 -10.44 13.07 4.76
C LYS B 171 -11.47 12.17 4.08
N VAL B 172 -11.63 12.32 2.77
CA VAL B 172 -12.49 11.45 1.98
C VAL B 172 -11.86 10.07 1.82
N ALA B 173 -10.55 10.01 1.58
CA ALA B 173 -9.82 8.75 1.45
C ALA B 173 -9.79 7.94 2.75
N SER B 174 -9.89 8.61 3.90
CA SER B 174 -9.94 7.92 5.19
C SER B 174 -11.39 7.67 5.65
N ARG B 175 -12.34 7.86 4.73
CA ARG B 175 -13.78 7.62 4.98
C ARG B 175 -14.35 8.48 6.12
N GLU B 176 -13.70 9.60 6.42
CA GLU B 176 -14.19 10.55 7.42
C GLU B 176 -15.14 11.57 6.78
N LEU B 177 -14.96 11.80 5.47
CA LEU B 177 -15.97 12.50 4.69
C LEU B 177 -16.47 11.55 3.60
N LYS B 178 -17.68 11.82 3.12
CA LYS B 178 -18.30 11.03 2.06
C LYS B 178 -17.68 11.45 0.72
N ASN B 179 -17.76 12.74 0.47
CA ASN B 179 -17.29 13.35 -0.76
C ASN B 179 -17.02 14.81 -0.46
N GLY B 180 -16.49 15.56 -1.42
CA GLY B 180 -16.15 16.95 -1.18
C GLY B 180 -16.04 17.84 -2.41
N PHE B 181 -16.14 19.14 -2.17
CA PHE B 181 -15.94 20.14 -3.21
C PHE B 181 -14.97 21.21 -2.70
N ALA B 182 -13.90 21.43 -3.46
CA ALA B 182 -12.89 22.42 -3.10
C ALA B 182 -13.07 23.70 -3.89
N VAL B 183 -13.55 24.75 -3.22
CA VAL B 183 -13.75 26.06 -3.86
C VAL B 183 -12.42 26.83 -3.80
N VAL B 184 -11.52 26.48 -4.72
CA VAL B 184 -10.14 26.93 -4.68
C VAL B 184 -9.69 27.72 -5.90
N ARG B 185 -8.73 28.62 -5.67
CA ARG B 185 -8.03 29.33 -6.74
C ARG B 185 -6.65 29.73 -6.21
N PRO B 186 -5.67 29.90 -7.11
CA PRO B 186 -5.74 29.74 -8.57
C PRO B 186 -5.90 28.28 -8.99
N PRO B 187 -6.32 28.06 -10.26
CA PRO B 187 -6.47 26.70 -10.80
C PRO B 187 -5.13 25.98 -10.96
N GLY B 188 -5.19 24.70 -11.33
CA GLY B 188 -4.00 23.85 -11.35
C GLY B 188 -3.71 23.01 -12.58
N HIS B 189 -4.73 22.63 -13.35
CA HIS B 189 -4.54 21.53 -14.32
C HIS B 189 -3.64 21.86 -15.54
N HIS B 190 -3.26 23.12 -15.73
CA HIS B 190 -2.30 23.48 -16.78
C HIS B 190 -0.85 23.52 -16.33
N ALA B 191 -0.61 23.61 -15.01
CA ALA B 191 0.76 23.64 -14.49
C ALA B 191 1.37 22.26 -14.66
N ASP B 192 2.49 22.18 -15.38
CA ASP B 192 3.19 20.91 -15.55
C ASP B 192 4.47 20.85 -14.71
N HIS B 193 5.25 19.78 -14.87
CA HIS B 193 6.40 19.51 -14.00
C HIS B 193 7.20 20.77 -13.65
N SER B 194 7.56 21.55 -14.66
CA SER B 194 8.37 22.74 -14.44
C SER B 194 7.89 23.94 -15.22
N THR B 195 6.57 24.12 -15.32
CA THR B 195 6.02 25.28 -16.00
C THR B 195 4.71 25.75 -15.39
N ALA B 196 4.69 26.99 -14.93
CA ALA B 196 3.44 27.67 -14.62
C ALA B 196 2.91 28.27 -15.93
N MET B 197 1.63 28.06 -16.20
CA MET B 197 0.99 28.56 -17.43
C MET B 197 -0.52 28.50 -17.34
N GLY B 198 -1.19 29.24 -18.21
CA GLY B 198 -2.64 29.25 -18.29
C GLY B 198 -3.32 29.47 -16.95
N PHE B 199 -2.85 30.47 -16.20
CA PHE B 199 -3.43 30.86 -14.91
C PHE B 199 -3.08 29.90 -13.75
N CYS B 200 -2.28 28.87 -14.02
CA CYS B 200 -2.00 27.83 -13.03
C CYS B 200 -0.53 27.84 -12.63
N PHE B 201 -0.28 27.51 -11.36
CA PHE B 201 1.08 27.48 -10.80
C PHE B 201 1.47 26.10 -10.28
N PHE B 202 0.61 25.51 -9.45
CA PHE B 202 0.81 24.14 -8.96
C PHE B 202 -0.41 23.32 -9.34
N ASN B 203 -0.19 22.08 -9.73
CA ASN B 203 -1.27 21.22 -10.16
C ASN B 203 -1.86 20.52 -8.93
N SER B 204 -2.80 21.22 -8.30
CA SER B 204 -3.42 20.83 -7.05
C SER B 204 -4.02 19.43 -7.08
N VAL B 205 -4.72 19.10 -8.16
CA VAL B 205 -5.37 17.80 -8.28
C VAL B 205 -4.34 16.68 -8.42
N ALA B 206 -3.29 16.92 -9.21
CA ALA B 206 -2.18 15.95 -9.35
C ALA B 206 -1.44 15.74 -8.03
N ILE B 207 -1.24 16.83 -7.30
CA ILE B 207 -0.56 16.78 -6.02
C ILE B 207 -1.40 15.94 -5.04
N ALA B 208 -2.70 16.19 -4.97
CA ALA B 208 -3.59 15.41 -4.11
C ALA B 208 -3.52 13.92 -4.44
N CYS B 209 -3.56 13.61 -5.73
CA CYS B 209 -3.47 12.25 -6.23
C CYS B 209 -2.19 11.55 -5.76
N ARG B 210 -1.05 12.21 -5.96
CA ARG B 210 0.25 11.68 -5.56
C ARG B 210 0.35 11.45 -4.05
N GLN B 211 -0.20 12.37 -3.25
CA GLN B 211 -0.13 12.26 -1.79
C GLN B 211 -1.02 11.13 -1.28
N LEU B 212 -2.24 11.06 -1.79
CA LEU B 212 -3.12 9.93 -1.49
C LEU B 212 -2.40 8.61 -1.74
N GLN B 213 -1.67 8.52 -2.85
CA GLN B 213 -1.02 7.27 -3.24
C GLN B 213 0.18 6.89 -2.36
N GLN B 214 0.85 7.88 -1.79
CA GLN B 214 1.93 7.61 -0.82
C GLN B 214 1.37 7.04 0.48
N GLN B 215 0.24 7.60 0.94
CA GLN B 215 -0.39 7.16 2.18
C GLN B 215 -1.14 5.84 2.08
N SER B 216 -1.38 5.36 0.86
CA SER B 216 -2.12 4.11 0.64
C SER B 216 -1.51 3.33 -0.52
N LYS B 217 -0.76 2.29 -0.18
CA LYS B 217 0.02 1.55 -1.18
C LYS B 217 -0.87 0.75 -2.13
N ALA B 218 -0.57 0.86 -3.43
CA ALA B 218 -1.25 0.10 -4.49
C ALA B 218 -2.60 0.69 -4.94
N SER B 219 -2.96 1.87 -4.43
CA SER B 219 -4.28 2.45 -4.72
C SER B 219 -4.39 2.99 -6.14
N LYS B 220 -5.55 2.79 -6.76
CA LYS B 220 -5.81 3.26 -8.10
C LYS B 220 -6.74 4.46 -8.03
N ILE B 221 -6.37 5.53 -8.73
CA ILE B 221 -7.13 6.78 -8.70
C ILE B 221 -7.54 7.24 -10.10
N LEU B 222 -8.82 7.61 -10.22
CA LEU B 222 -9.37 8.17 -11.46
C LEU B 222 -9.35 9.68 -11.34
N ILE B 223 -8.80 10.36 -12.35
CA ILE B 223 -8.92 11.80 -12.49
C ILE B 223 -9.80 12.10 -13.70
N VAL B 224 -10.95 12.72 -13.46
CA VAL B 224 -11.83 13.15 -14.52
C VAL B 224 -11.71 14.66 -14.63
N ASP B 225 -11.44 15.14 -15.84
CA ASP B 225 -11.25 16.58 -16.05
C ASP B 225 -12.31 17.06 -17.05
N TRP B 226 -13.37 17.69 -16.54
CA TRP B 226 -14.45 18.20 -17.39
C TRP B 226 -14.40 19.72 -17.67
N ASP B 227 -13.32 20.36 -17.24
CA ASP B 227 -13.01 21.72 -17.68
C ASP B 227 -12.88 21.72 -19.21
N VAL B 228 -13.30 22.80 -19.87
CA VAL B 228 -13.33 22.84 -21.33
C VAL B 228 -11.96 22.73 -21.99
N HIS B 229 -10.92 23.13 -21.25
CA HIS B 229 -9.53 23.05 -21.72
C HIS B 229 -8.89 21.73 -21.30
N HIS B 230 -7.94 21.24 -22.09
CA HIS B 230 -7.20 20.02 -21.75
C HIS B 230 -6.23 20.28 -20.60
N GLY B 231 -6.23 19.39 -19.61
CA GLY B 231 -5.30 19.48 -18.48
C GLY B 231 -3.95 18.89 -18.83
N ASN B 232 -3.17 19.62 -19.63
CA ASN B 232 -1.83 19.19 -20.05
C ASN B 232 -0.89 18.83 -18.89
N GLY B 233 -1.02 19.53 -17.77
CA GLY B 233 -0.21 19.24 -16.61
C GLY B 233 -0.52 17.87 -16.05
N THR B 234 -1.81 17.61 -15.85
CA THR B 234 -2.28 16.34 -15.30
C THR B 234 -1.91 15.18 -16.22
N GLN B 235 -2.20 15.31 -17.51
CA GLN B 235 -1.83 14.29 -18.49
C GLN B 235 -0.34 13.97 -18.45
N GLN B 236 0.50 15.00 -18.39
CA GLN B 236 1.94 14.82 -18.41
C GLN B 236 2.43 14.07 -17.17
N THR B 237 1.92 14.44 -16.00
CA THR B 237 2.38 13.86 -14.74
C THR B 237 2.13 12.36 -14.70
N PHE B 238 0.96 11.92 -15.18
CA PHE B 238 0.59 10.52 -15.06
C PHE B 238 0.68 9.73 -16.37
N TYR B 239 1.34 10.28 -17.37
CA TYR B 239 1.36 9.68 -18.71
C TYR B 239 1.91 8.23 -18.75
N GLN B 240 2.85 7.90 -17.87
CA GLN B 240 3.44 6.55 -17.84
C GLN B 240 3.16 5.83 -16.52
N ASP B 241 2.02 6.15 -15.91
CA ASP B 241 1.66 5.66 -14.58
C ASP B 241 0.33 4.90 -14.67
N PRO B 242 0.38 3.55 -14.64
CA PRO B 242 -0.87 2.79 -14.78
C PRO B 242 -1.80 2.85 -13.58
N SER B 243 -1.31 3.32 -12.43
CA SER B 243 -2.12 3.42 -11.22
C SER B 243 -3.10 4.60 -11.27
N VAL B 244 -2.89 5.54 -12.18
CA VAL B 244 -3.78 6.69 -12.34
C VAL B 244 -4.42 6.68 -13.73
N LEU B 245 -5.74 6.84 -13.76
CA LEU B 245 -6.49 6.95 -15.01
C LEU B 245 -6.93 8.39 -15.15
N TYR B 246 -6.50 9.04 -16.24
CA TYR B 246 -6.90 10.40 -16.56
C TYR B 246 -7.88 10.37 -17.73
N ILE B 247 -9.07 10.90 -17.50
CA ILE B 247 -10.06 11.06 -18.55
C ILE B 247 -10.41 12.55 -18.67
N SER B 248 -10.07 13.13 -19.82
CA SER B 248 -10.36 14.53 -20.08
C SER B 248 -11.36 14.68 -21.22
N LEU B 249 -12.42 15.45 -20.96
CA LEU B 249 -13.29 15.96 -22.02
C LEU B 249 -12.90 17.42 -22.27
N HIS B 250 -12.60 17.77 -23.52
CA HIS B 250 -12.15 19.13 -23.83
C HIS B 250 -12.28 19.46 -25.29
N ARG B 251 -12.54 20.73 -25.57
CA ARG B 251 -12.54 21.24 -26.94
C ARG B 251 -11.12 21.14 -27.49
N HIS B 252 -10.95 20.42 -28.59
CA HIS B 252 -9.64 20.22 -29.19
C HIS B 252 -9.51 20.94 -30.53
N ASP B 253 -10.48 20.71 -31.42
CA ASP B 253 -10.54 21.38 -32.73
C ASP B 253 -9.21 21.33 -33.49
N ASP B 254 -8.61 20.15 -33.55
CA ASP B 254 -7.40 19.91 -34.35
C ASP B 254 -6.23 20.82 -33.94
N GLY B 255 -5.99 20.93 -32.65
CA GLY B 255 -4.82 21.61 -32.11
C GLY B 255 -4.96 23.11 -31.89
N ASN B 256 -6.14 23.67 -32.19
CA ASN B 256 -6.32 25.13 -32.23
C ASN B 256 -7.11 25.73 -31.08
N PHE B 257 -7.05 25.10 -29.92
CA PHE B 257 -7.66 25.63 -28.72
C PHE B 257 -6.70 25.41 -27.55
N PHE B 258 -6.58 26.39 -26.66
CA PHE B 258 -5.61 26.31 -25.57
C PHE B 258 -5.82 25.04 -24.72
N PRO B 259 -4.73 24.34 -24.37
CA PRO B 259 -3.31 24.57 -24.65
C PRO B 259 -2.78 23.92 -25.93
N GLY B 260 -3.66 23.28 -26.70
CA GLY B 260 -3.26 22.66 -27.97
C GLY B 260 -2.84 21.21 -27.86
N SER B 261 -2.86 20.66 -26.65
CA SER B 261 -2.49 19.28 -26.39
C SER B 261 -3.73 18.41 -26.22
N GLY B 262 -3.52 17.11 -26.07
CA GLY B 262 -4.61 16.19 -25.73
C GLY B 262 -5.38 15.64 -26.92
N ALA B 263 -4.66 15.29 -27.99
CA ALA B 263 -5.26 14.59 -29.12
C ALA B 263 -5.76 13.22 -28.69
N VAL B 264 -6.76 12.70 -29.40
CA VAL B 264 -7.40 11.43 -29.05
C VAL B 264 -6.43 10.24 -29.06
N ASP B 265 -5.37 10.33 -29.87
CA ASP B 265 -4.39 9.23 -29.97
C ASP B 265 -3.30 9.27 -28.89
N GLU B 266 -3.38 10.23 -27.97
CA GLU B 266 -2.47 10.27 -26.81
C GLU B 266 -3.04 9.38 -25.69
N VAL B 267 -2.59 8.13 -25.65
CA VAL B 267 -3.15 7.09 -24.78
C VAL B 267 -2.29 6.80 -23.54
N GLY B 268 -1.14 7.46 -23.44
CA GLY B 268 -0.13 7.14 -22.42
C GLY B 268 1.00 6.35 -23.05
N ALA B 269 2.05 6.10 -22.28
CA ALA B 269 3.25 5.44 -22.79
C ALA B 269 3.83 4.49 -21.75
N GLY B 270 4.58 3.48 -22.21
CA GLY B 270 5.14 2.47 -21.32
C GLY B 270 4.04 1.73 -20.59
N SER B 271 4.26 1.45 -19.31
CA SER B 271 3.24 0.87 -18.45
C SER B 271 1.93 1.66 -18.46
N GLY B 272 2.03 2.98 -18.63
CA GLY B 272 0.85 3.83 -18.66
C GLY B 272 -0.02 3.74 -19.91
N GLU B 273 0.42 3.00 -20.91
CA GLU B 273 -0.29 2.93 -22.19
C GLU B 273 -1.71 2.38 -22.02
N GLY B 274 -2.69 3.19 -22.40
CA GLY B 274 -4.10 2.84 -22.27
C GLY B 274 -4.83 3.55 -21.12
N PHE B 275 -4.07 4.13 -20.19
CA PHE B 275 -4.67 4.76 -18.99
C PHE B 275 -4.75 6.29 -19.10
N ASN B 276 -4.66 6.82 -20.32
CA ASN B 276 -4.90 8.23 -20.59
C ASN B 276 -5.95 8.34 -21.71
N VAL B 277 -7.11 8.92 -21.39
CA VAL B 277 -8.22 9.00 -22.32
C VAL B 277 -8.64 10.45 -22.58
N ASN B 278 -8.42 10.89 -23.81
CA ASN B 278 -8.77 12.23 -24.25
C ASN B 278 -10.02 12.16 -25.12
N VAL B 279 -11.16 12.54 -24.53
CA VAL B 279 -12.37 12.77 -25.31
C VAL B 279 -12.22 14.15 -25.94
N ALA B 280 -11.48 14.18 -27.05
CA ALA B 280 -11.10 15.43 -27.72
C ALA B 280 -12.17 15.82 -28.74
N TRP B 281 -13.02 16.78 -28.39
CA TRP B 281 -14.08 17.24 -29.29
C TRP B 281 -13.46 17.94 -30.49
N ALA B 282 -13.76 17.44 -31.69
CA ALA B 282 -13.35 18.08 -32.93
C ALA B 282 -14.57 18.68 -33.62
N GLY B 283 -14.33 19.54 -34.60
CA GLY B 283 -15.40 20.08 -35.44
C GLY B 283 -15.75 21.54 -35.18
N GLY B 284 -15.42 22.04 -33.98
CA GLY B 284 -15.66 23.45 -33.64
C GLY B 284 -17.00 23.66 -32.97
N LEU B 285 -17.45 24.92 -32.97
CA LEU B 285 -18.61 25.35 -32.16
C LEU B 285 -19.97 25.01 -32.75
N ASP B 286 -20.01 24.73 -34.05
CA ASP B 286 -21.25 24.44 -34.74
C ASP B 286 -21.21 23.00 -35.26
N PRO B 287 -22.19 22.17 -34.88
CA PRO B 287 -23.36 22.44 -34.04
C PRO B 287 -23.04 22.66 -32.56
N PRO B 288 -24.06 23.06 -31.77
CA PRO B 288 -23.81 23.42 -30.37
C PRO B 288 -23.36 22.21 -29.57
N MET B 289 -22.25 22.35 -28.85
CA MET B 289 -21.74 21.29 -27.99
C MET B 289 -22.27 21.55 -26.57
N GLY B 290 -23.12 20.65 -26.08
CA GLY B 290 -23.80 20.84 -24.81
C GLY B 290 -24.19 19.55 -24.10
N ASP B 291 -25.37 19.55 -23.47
CA ASP B 291 -25.81 18.45 -22.60
C ASP B 291 -25.91 17.08 -23.28
N PRO B 292 -26.57 17.01 -24.45
CA PRO B 292 -26.65 15.70 -25.13
C PRO B 292 -25.29 15.09 -25.42
N GLU B 293 -24.31 15.95 -25.67
CA GLU B 293 -22.96 15.52 -26.05
C GLU B 293 -22.19 15.02 -24.83
N TYR B 294 -22.29 15.77 -23.73
CA TYR B 294 -21.62 15.39 -22.49
C TYR B 294 -22.26 14.16 -21.84
N LEU B 295 -23.59 14.08 -21.87
CA LEU B 295 -24.29 12.90 -21.38
C LEU B 295 -23.88 11.66 -22.18
N ALA B 296 -23.80 11.80 -23.50
CA ALA B 296 -23.36 10.69 -24.36
C ALA B 296 -21.93 10.26 -24.01
N ALA B 297 -21.05 11.21 -23.76
CA ALA B 297 -19.66 10.92 -23.42
C ALA B 297 -19.56 10.12 -22.13
N PHE B 298 -20.40 10.46 -21.14
CA PHE B 298 -20.49 9.71 -19.90
C PHE B 298 -21.08 8.31 -20.09
N ARG B 299 -22.15 8.20 -20.86
CA ARG B 299 -22.76 6.90 -21.15
C ARG B 299 -21.81 5.93 -21.86
N ILE B 300 -21.12 6.44 -22.88
CA ILE B 300 -20.39 5.59 -23.82
C ILE B 300 -18.91 5.37 -23.44
N VAL B 301 -18.29 6.38 -22.85
CA VAL B 301 -16.85 6.36 -22.60
C VAL B 301 -16.47 6.48 -21.12
N VAL B 302 -16.88 7.56 -20.46
CA VAL B 302 -16.34 7.86 -19.13
C VAL B 302 -16.68 6.75 -18.14
N MET B 303 -17.96 6.45 -17.99
CA MET B 303 -18.40 5.50 -16.98
C MET B 303 -17.96 4.05 -17.28
N PRO B 304 -18.13 3.57 -18.51
CA PRO B 304 -17.70 2.20 -18.78
C PRO B 304 -16.20 1.96 -18.56
N ILE B 305 -15.36 2.92 -18.92
CA ILE B 305 -13.93 2.81 -18.66
C ILE B 305 -13.64 2.97 -17.15
N ALA B 306 -14.35 3.90 -16.51
CA ALA B 306 -14.21 4.13 -15.07
C ALA B 306 -14.56 2.88 -14.27
N ARG B 307 -15.67 2.23 -14.63
CA ARG B 307 -16.07 0.97 -13.97
C ARG B 307 -15.08 -0.16 -14.21
N GLU B 308 -14.55 -0.26 -15.42
CA GLU B 308 -13.56 -1.30 -15.74
C GLU B 308 -12.25 -1.07 -14.98
N PHE B 309 -11.82 0.18 -14.88
CA PHE B 309 -10.64 0.55 -14.10
C PHE B 309 -10.85 0.25 -12.62
N SER B 310 -12.02 0.64 -12.10
CA SER B 310 -12.43 0.35 -10.73
C SER B 310 -11.57 1.10 -9.71
N PRO B 311 -11.71 2.45 -9.67
CA PRO B 311 -10.86 3.31 -8.85
C PRO B 311 -11.22 3.31 -7.37
N ASP B 312 -10.21 3.50 -6.51
CA ASP B 312 -10.41 3.60 -5.06
C ASP B 312 -10.86 5.01 -4.66
N LEU B 313 -10.59 5.99 -5.51
CA LEU B 313 -11.05 7.35 -5.30
C LEU B 313 -11.07 8.10 -6.62
N VAL B 314 -12.01 9.04 -6.73
CA VAL B 314 -12.17 9.85 -7.94
C VAL B 314 -11.89 11.32 -7.63
N LEU B 315 -10.87 11.87 -8.28
CA LEU B 315 -10.61 13.32 -8.27
C LEU B 315 -11.18 13.93 -9.55
N VAL B 316 -11.86 15.05 -9.43
CA VAL B 316 -12.41 15.75 -10.61
C VAL B 316 -11.80 17.13 -10.73
N SER B 317 -11.20 17.39 -11.90
CA SER B 317 -10.85 18.75 -12.27
C SER B 317 -12.15 19.40 -12.74
N ALA B 318 -12.83 20.05 -11.79
CA ALA B 318 -14.15 20.59 -11.98
C ALA B 318 -14.12 22.04 -12.47
N GLY B 319 -13.78 22.21 -13.75
CA GLY B 319 -13.93 23.51 -14.40
C GLY B 319 -15.36 23.65 -14.87
N PHE B 320 -15.85 24.88 -14.96
CA PHE B 320 -17.19 25.13 -15.47
C PHE B 320 -17.17 26.09 -16.65
N ASP B 321 -16.05 26.10 -17.38
CA ASP B 321 -15.92 26.94 -18.57
C ASP B 321 -16.55 26.29 -19.82
N ALA B 322 -17.06 25.07 -19.69
CA ALA B 322 -17.92 24.46 -20.72
C ALA B 322 -19.38 24.90 -20.55
N ALA B 323 -19.67 25.68 -19.51
CA ALA B 323 -21.02 26.17 -19.24
C ALA B 323 -21.44 27.31 -20.15
N GLU B 324 -22.74 27.59 -20.12
CA GLU B 324 -23.32 28.75 -20.79
C GLU B 324 -22.64 30.04 -20.31
N GLY B 325 -22.61 31.05 -21.18
CA GLY B 325 -22.04 32.35 -20.81
C GLY B 325 -20.53 32.48 -20.98
N HIS B 326 -19.91 31.51 -21.65
CA HIS B 326 -18.50 31.60 -21.98
C HIS B 326 -18.39 31.70 -23.51
N PRO B 327 -18.07 32.89 -24.04
CA PRO B 327 -18.07 33.08 -25.50
C PRO B 327 -16.96 32.30 -26.19
N ALA B 328 -17.04 32.22 -27.52
CA ALA B 328 -16.15 31.40 -28.35
C ALA B 328 -14.69 31.33 -27.85
N PRO B 329 -14.03 32.50 -27.70
CA PRO B 329 -12.64 32.52 -27.25
C PRO B 329 -12.34 31.69 -26.01
N LEU B 330 -13.25 31.69 -25.03
CA LEU B 330 -13.01 31.03 -23.74
C LEU B 330 -13.54 29.60 -23.68
N GLY B 331 -14.62 29.33 -24.40
CA GLY B 331 -15.22 27.99 -24.41
C GLY B 331 -16.22 27.81 -25.52
N GLY B 332 -17.28 28.62 -25.49
CA GLY B 332 -18.33 28.58 -26.52
C GLY B 332 -19.26 27.39 -26.46
N TYR B 333 -19.32 26.71 -25.32
CA TYR B 333 -20.19 25.54 -25.13
C TYR B 333 -21.42 25.90 -24.30
N HIS B 334 -22.37 24.97 -24.20
CA HIS B 334 -23.67 25.24 -23.57
C HIS B 334 -24.08 24.16 -22.58
N VAL B 335 -23.15 23.69 -21.76
CA VAL B 335 -23.46 22.66 -20.77
C VAL B 335 -24.19 23.29 -19.58
N SER B 336 -25.28 22.66 -19.16
CA SER B 336 -26.14 23.20 -18.09
C SER B 336 -25.64 22.84 -16.69
N ALA B 337 -26.18 23.52 -15.70
CA ALA B 337 -25.88 23.26 -14.29
C ALA B 337 -26.36 21.86 -13.87
N LYS B 338 -27.56 21.50 -14.28
CA LYS B 338 -28.13 20.19 -13.95
C LYS B 338 -27.29 19.08 -14.56
N CYS B 339 -26.77 19.31 -15.76
CA CYS B 339 -25.87 18.37 -16.42
C CYS B 339 -24.59 18.17 -15.60
N PHE B 340 -24.00 19.26 -15.12
CA PHE B 340 -22.84 19.15 -14.23
C PHE B 340 -23.23 18.39 -12.96
N GLY B 341 -24.38 18.73 -12.38
CA GLY B 341 -24.91 18.02 -11.23
C GLY B 341 -25.09 16.52 -11.50
N TYR B 342 -25.62 16.21 -12.67
CA TYR B 342 -25.87 14.83 -13.06
C TYR B 342 -24.56 14.08 -13.36
N MET B 343 -23.58 14.77 -13.94
CA MET B 343 -22.26 14.18 -14.13
C MET B 343 -21.60 13.88 -12.77
N THR B 344 -21.73 14.79 -11.81
CA THR B 344 -21.27 14.55 -10.44
C THR B 344 -21.99 13.34 -9.85
N GLN B 345 -23.32 13.30 -9.99
CA GLN B 345 -24.13 12.19 -9.49
C GLN B 345 -23.68 10.82 -10.04
N GLN B 346 -23.26 10.79 -11.30
CA GLN B 346 -22.82 9.52 -11.92
C GLN B 346 -21.47 9.06 -11.38
N LEU B 347 -20.54 10.00 -11.23
CA LEU B 347 -19.22 9.68 -10.66
C LEU B 347 -19.34 9.18 -9.22
N MET B 348 -20.39 9.62 -8.54
CA MET B 348 -20.65 9.20 -7.15
C MET B 348 -20.95 7.70 -7.01
N ASN B 349 -21.30 7.04 -8.13
CA ASN B 349 -21.44 5.59 -8.15
C ASN B 349 -20.11 4.83 -8.15
N LEU B 350 -19.02 5.54 -8.41
CA LEU B 350 -17.69 4.93 -8.42
C LEU B 350 -17.05 5.03 -7.04
N ALA B 351 -16.08 4.14 -6.78
CA ALA B 351 -15.24 4.19 -5.59
C ALA B 351 -16.01 4.34 -4.27
N GLY B 352 -17.17 3.69 -4.19
CA GLY B 352 -18.01 3.75 -3.00
C GLY B 352 -18.50 5.14 -2.61
N GLY B 353 -18.50 6.07 -3.56
CA GLY B 353 -18.90 7.45 -3.28
C GLY B 353 -17.74 8.39 -3.02
N ALA B 354 -16.51 7.87 -2.98
CA ALA B 354 -15.34 8.69 -2.64
C ALA B 354 -14.95 9.59 -3.83
N VAL B 355 -15.55 10.78 -3.83
CA VAL B 355 -15.40 11.74 -4.91
C VAL B 355 -15.00 13.12 -4.37
N VAL B 356 -13.99 13.72 -4.97
CA VAL B 356 -13.55 15.07 -4.60
C VAL B 356 -13.52 15.94 -5.85
N LEU B 357 -14.33 17.00 -5.87
CA LEU B 357 -14.29 17.96 -6.94
C LEU B 357 -13.40 19.14 -6.54
N ALA B 358 -12.58 19.61 -7.49
CA ALA B 358 -11.72 20.78 -7.29
C ALA B 358 -12.00 21.79 -8.39
N LEU B 359 -12.28 23.04 -8.00
CA LEU B 359 -12.54 24.10 -8.95
C LEU B 359 -11.32 24.31 -9.84
N GLU B 360 -11.51 24.34 -11.16
CA GLU B 360 -10.46 24.75 -12.09
C GLU B 360 -10.90 26.05 -12.78
N GLY B 361 -11.37 25.97 -14.03
CA GLY B 361 -11.78 27.15 -14.80
C GLY B 361 -13.24 27.52 -14.61
N GLY B 362 -13.67 28.50 -15.41
CA GLY B 362 -15.00 29.09 -15.31
C GLY B 362 -14.88 30.57 -14.96
N HIS B 363 -15.57 31.42 -15.71
CA HIS B 363 -15.44 32.88 -15.56
C HIS B 363 -16.79 33.53 -15.24
N ASP B 364 -17.80 33.24 -16.05
CA ASP B 364 -19.14 33.79 -15.86
C ASP B 364 -19.66 33.44 -14.47
N LEU B 365 -19.78 34.45 -13.61
CA LEU B 365 -20.12 34.23 -12.20
C LEU B 365 -21.46 33.51 -12.02
N THR B 366 -22.46 33.86 -12.82
CA THR B 366 -23.77 33.20 -12.71
C THR B 366 -23.67 31.72 -13.13
N ALA B 367 -22.95 31.46 -14.21
CA ALA B 367 -22.76 30.10 -14.71
C ALA B 367 -22.08 29.21 -13.68
N ILE B 368 -20.91 29.65 -13.19
CA ILE B 368 -20.13 28.82 -12.25
C ILE B 368 -20.80 28.68 -10.88
N CYS B 369 -21.61 29.67 -10.50
CA CYS B 369 -22.41 29.56 -9.28
C CYS B 369 -23.56 28.56 -9.46
N ASP B 370 -24.22 28.59 -10.61
CA ASP B 370 -25.28 27.63 -10.92
C ASP B 370 -24.74 26.19 -11.01
N ALA B 371 -23.59 26.02 -11.65
CA ALA B 371 -22.96 24.71 -11.77
C ALA B 371 -22.52 24.19 -10.40
N SER B 372 -21.87 25.05 -9.60
CA SER B 372 -21.39 24.67 -8.26
C SER B 372 -22.53 24.26 -7.34
N GLU B 373 -23.60 25.04 -7.34
CA GLU B 373 -24.80 24.73 -6.57
C GLU B 373 -25.35 23.35 -6.94
N ALA B 374 -25.37 23.05 -8.25
CA ALA B 374 -25.86 21.77 -8.74
C ALA B 374 -24.96 20.61 -8.30
N CYS B 375 -23.64 20.82 -8.40
CA CYS B 375 -22.67 19.78 -8.03
C CYS B 375 -22.68 19.49 -6.54
N VAL B 376 -22.73 20.54 -5.73
CA VAL B 376 -22.75 20.39 -4.29
C VAL B 376 -24.07 19.75 -3.85
N ALA B 377 -25.16 20.11 -4.54
CA ALA B 377 -26.46 19.48 -4.31
C ALA B 377 -26.38 17.99 -4.61
N ALA B 378 -25.69 17.63 -5.69
CA ALA B 378 -25.49 16.23 -6.05
C ALA B 378 -24.68 15.51 -4.98
N LEU B 379 -23.60 16.15 -4.52
CA LEU B 379 -22.72 15.56 -3.50
C LEU B 379 -23.46 15.20 -2.21
N LEU B 380 -24.46 16.02 -1.85
CA LEU B 380 -25.24 15.78 -0.63
C LEU B 380 -26.25 14.64 -0.77
N GLY B 381 -26.46 14.14 -2.00
CA GLY B 381 -27.33 12.99 -2.24
C GLY B 381 -28.60 13.31 -3.02
N ASN B 382 -28.77 14.57 -3.41
CA ASN B 382 -29.90 14.98 -4.24
C ASN B 382 -29.76 14.44 -5.68
N ARG B 383 -30.86 13.97 -6.24
CA ARG B 383 -30.86 13.31 -7.55
C ARG B 383 -31.59 14.14 -8.61
N VAL B 384 -30.92 14.33 -9.75
CA VAL B 384 -31.55 14.90 -10.95
C VAL B 384 -32.33 13.81 -11.67
N ASP B 385 -33.56 14.14 -12.06
CA ASP B 385 -34.38 13.24 -12.86
C ASP B 385 -34.13 13.54 -14.34
N PRO B 386 -33.53 12.59 -15.07
CA PRO B 386 -33.22 12.84 -16.49
C PRO B 386 -34.45 13.09 -17.36
N LEU B 387 -35.62 12.61 -16.93
CA LEU B 387 -36.86 12.81 -17.67
C LEU B 387 -37.40 14.25 -17.54
N SER B 388 -36.86 15.03 -16.62
CA SER B 388 -37.34 16.40 -16.39
C SER B 388 -36.88 17.40 -17.45
N GLU B 389 -35.77 17.11 -18.13
CA GLU B 389 -35.28 17.99 -19.20
C GLU B 389 -35.65 17.42 -20.57
N GLU B 390 -36.37 18.21 -21.35
CA GLU B 390 -36.76 17.83 -22.71
C GLU B 390 -35.55 17.89 -23.65
N GLY B 391 -34.66 18.84 -23.41
CA GLY B 391 -33.42 18.95 -24.17
C GLY B 391 -32.50 17.74 -24.09
N TRP B 392 -32.72 16.90 -23.07
CA TRP B 392 -31.92 15.68 -22.89
C TRP B 392 -32.50 14.50 -23.69
N LYS B 393 -33.58 14.74 -24.44
CA LYS B 393 -34.10 13.75 -25.39
C LYS B 393 -33.47 13.92 -26.78
N GLN B 394 -32.59 14.92 -26.92
CA GLN B 394 -31.93 15.20 -28.19
C GLN B 394 -30.73 14.30 -28.39
N LYS B 395 -30.48 13.90 -29.64
CA LYS B 395 -29.31 13.11 -29.97
C LYS B 395 -28.07 13.98 -29.89
N PRO B 396 -26.91 13.39 -29.56
CA PRO B 396 -25.68 14.15 -29.69
C PRO B 396 -25.42 14.52 -31.15
N ASN B 397 -24.86 15.71 -31.38
CA ASN B 397 -24.55 16.13 -32.74
C ASN B 397 -23.50 15.23 -33.40
N LEU B 398 -23.42 15.33 -34.72
CA LEU B 398 -22.61 14.39 -35.52
C LEU B 398 -21.12 14.53 -35.20
N ASN B 399 -20.67 15.77 -34.96
CA ASN B 399 -19.28 16.01 -34.51
C ASN B 399 -18.94 15.28 -33.22
N ALA B 400 -19.85 15.35 -32.24
CA ALA B 400 -19.62 14.67 -30.96
C ALA B 400 -19.57 13.16 -31.17
N ILE B 401 -20.45 12.65 -32.02
CA ILE B 401 -20.47 11.23 -32.38
C ILE B 401 -19.17 10.82 -33.09
N ARG B 402 -18.75 11.64 -34.04
CA ARG B 402 -17.47 11.44 -34.76
C ARG B 402 -16.30 11.41 -33.79
N SER B 403 -16.33 12.30 -32.79
CA SER B 403 -15.28 12.38 -31.79
C SER B 403 -15.26 11.17 -30.86
N LEU B 404 -16.45 10.74 -30.44
CA LEU B 404 -16.56 9.57 -29.56
C LEU B 404 -16.16 8.31 -30.32
N GLU B 405 -16.48 8.27 -31.60
CA GLU B 405 -16.09 7.13 -32.44
C GLU B 405 -14.56 7.02 -32.55
N ALA B 406 -13.88 8.16 -32.63
CA ALA B 406 -12.40 8.17 -32.65
C ALA B 406 -11.84 7.62 -31.34
N VAL B 407 -12.44 8.02 -30.23
CA VAL B 407 -12.03 7.57 -28.90
C VAL B 407 -12.22 6.06 -28.76
N ILE B 408 -13.38 5.57 -29.16
CA ILE B 408 -13.72 4.15 -29.09
C ILE B 408 -12.71 3.33 -29.90
N ARG B 409 -12.47 3.78 -31.13
CA ARG B 409 -11.57 3.12 -32.06
C ARG B 409 -10.15 3.00 -31.51
N VAL B 410 -9.66 4.09 -30.93
CA VAL B 410 -8.32 4.13 -30.35
C VAL B 410 -8.22 3.24 -29.10
N HIS B 411 -9.20 3.35 -28.22
CA HIS B 411 -9.16 2.67 -26.92
C HIS B 411 -9.75 1.25 -26.90
N SER B 412 -10.28 0.80 -28.03
CA SER B 412 -10.65 -0.61 -28.19
C SER B 412 -9.44 -1.54 -27.97
N LYS B 413 -8.23 -1.01 -28.15
CA LYS B 413 -7.01 -1.78 -27.91
C LYS B 413 -6.77 -2.07 -26.43
N TYR B 414 -7.33 -1.24 -25.55
CA TYR B 414 -7.00 -1.28 -24.12
C TYR B 414 -8.17 -1.62 -23.19
N TRP B 415 -9.41 -1.39 -23.61
CA TRP B 415 -10.57 -1.58 -22.73
C TRP B 415 -11.66 -2.46 -23.38
N GLY B 416 -12.10 -3.48 -22.64
CA GLY B 416 -13.10 -4.44 -23.12
C GLY B 416 -14.44 -3.80 -23.44
N CYS B 417 -14.82 -2.79 -22.66
CA CYS B 417 -16.06 -2.07 -22.90
C CYS B 417 -16.02 -1.29 -24.22
N MET B 418 -14.82 -0.93 -24.67
CA MET B 418 -14.62 -0.26 -25.96
C MET B 418 -14.50 -1.24 -27.14
N GLN B 419 -14.49 -2.54 -26.89
CA GLN B 419 -14.24 -3.52 -27.95
C GLN B 419 -15.51 -3.92 -28.71
N ARG B 420 -15.52 -3.60 -30.01
CA ARG B 420 -16.56 -3.98 -30.98
C ARG B 420 -17.95 -3.47 -30.63
N THR C 39 -7.59 -24.48 3.36
CA THR C 39 -6.51 -23.96 4.23
C THR C 39 -7.07 -23.13 5.39
N THR C 40 -6.44 -23.25 6.55
CA THR C 40 -6.75 -22.43 7.71
C THR C 40 -6.18 -21.03 7.51
N GLY C 41 -6.94 -20.01 7.93
CA GLY C 41 -6.51 -18.61 7.79
C GLY C 41 -6.18 -17.96 9.12
N LEU C 42 -5.26 -17.00 9.09
CA LEU C 42 -4.92 -16.19 10.27
C LEU C 42 -4.92 -14.70 9.94
N ILE C 43 -5.48 -13.91 10.84
CA ILE C 43 -5.57 -12.46 10.67
C ILE C 43 -4.73 -11.74 11.73
N TYR C 44 -3.93 -10.79 11.29
CA TYR C 44 -3.09 -9.98 12.19
C TYR C 44 -2.56 -8.75 11.47
N ASP C 45 -2.38 -7.66 12.22
CA ASP C 45 -1.71 -6.46 11.71
C ASP C 45 -1.24 -5.57 12.86
N SER C 46 -0.15 -4.85 12.62
CA SER C 46 0.45 -3.97 13.63
C SER C 46 -0.46 -2.80 14.01
N VAL C 47 -1.29 -2.35 13.09
CA VAL C 47 -2.28 -1.29 13.35
C VAL C 47 -2.91 -1.43 14.74
N MET C 48 -3.32 -2.66 15.07
CA MET C 48 -4.01 -2.95 16.32
C MET C 48 -3.12 -2.92 17.57
N LEU C 49 -1.81 -2.86 17.39
CA LEU C 49 -0.88 -2.67 18.51
C LEU C 49 -0.91 -1.22 19.02
N LYS C 50 -1.32 -0.29 18.17
CA LYS C 50 -1.29 1.14 18.49
C LYS C 50 -2.44 1.60 19.39
N HIS C 51 -3.43 0.75 19.62
CA HIS C 51 -4.46 1.04 20.63
C HIS C 51 -3.83 0.89 22.01
N GLN C 52 -3.33 2.00 22.54
CA GLN C 52 -2.73 2.02 23.86
C GLN C 52 -2.76 3.45 24.42
N CYS C 53 -3.01 3.55 25.73
CA CYS C 53 -3.16 4.83 26.40
C CYS C 53 -1.88 5.65 26.33
N SER C 54 -2.03 6.97 26.37
CA SER C 54 -0.88 7.88 26.27
C SER C 54 0.06 7.80 27.48
N CYS C 55 -0.49 7.45 28.64
CA CYS C 55 0.31 7.30 29.86
C CYS C 55 1.30 6.14 29.76
N GLY C 56 1.01 5.17 28.90
CA GLY C 56 1.96 4.12 28.54
C GLY C 56 2.30 3.18 29.69
N ASP C 57 1.26 2.62 30.29
CA ASP C 57 1.41 1.73 31.44
C ASP C 57 0.54 0.50 31.24
N ASN C 58 1.18 -0.62 30.92
CA ASN C 58 0.47 -1.85 30.57
C ASN C 58 -0.05 -2.61 31.78
N SER C 59 0.39 -2.21 32.98
CA SER C 59 -0.14 -2.76 34.22
C SER C 59 -1.52 -2.17 34.50
N ARG C 60 -1.60 -0.84 34.58
CA ARG C 60 -2.86 -0.16 34.86
C ARG C 60 -3.84 -0.21 33.69
N HIS C 61 -3.36 -0.62 32.51
CA HIS C 61 -4.21 -0.89 31.35
C HIS C 61 -3.93 -2.29 30.82
N PRO C 62 -4.52 -3.32 31.46
CA PRO C 62 -4.26 -4.73 31.15
C PRO C 62 -4.60 -5.19 29.73
N GLU C 63 -5.53 -4.51 29.06
CA GLU C 63 -5.84 -4.84 27.67
C GLU C 63 -4.81 -4.14 26.79
N HIS C 64 -3.61 -4.72 26.72
CA HIS C 64 -2.46 -4.09 26.06
C HIS C 64 -2.06 -4.80 24.77
N ALA C 65 -1.19 -4.15 24.00
CA ALA C 65 -0.78 -4.62 22.67
C ALA C 65 -0.06 -5.96 22.72
N GLY C 66 0.71 -6.20 23.78
CA GLY C 66 1.43 -7.46 23.97
C GLY C 66 0.56 -8.71 23.94
N ARG C 67 -0.73 -8.57 24.17
CA ARG C 67 -1.67 -9.68 24.11
C ARG C 67 -1.66 -10.35 22.73
N ILE C 68 -1.93 -9.57 21.68
CA ILE C 68 -1.94 -10.11 20.31
C ILE C 68 -0.53 -10.40 19.78
N GLN C 69 0.45 -9.63 20.23
CA GLN C 69 1.84 -9.77 19.76
C GLN C 69 2.46 -11.11 20.21
N SER C 70 2.25 -11.45 21.48
CA SER C 70 2.80 -12.68 22.05
C SER C 70 2.16 -13.93 21.44
N ILE C 71 0.87 -13.86 21.13
CA ILE C 71 0.18 -14.93 20.41
C ILE C 71 0.74 -15.06 18.99
N TRP C 72 0.91 -13.93 18.31
CA TRP C 72 1.37 -13.93 16.92
C TRP C 72 2.74 -14.58 16.77
N SER C 73 3.67 -14.22 17.65
CA SER C 73 4.99 -14.82 17.65
C SER C 73 4.95 -16.28 18.12
N ARG C 74 4.02 -16.60 19.01
CA ARG C 74 3.86 -17.96 19.53
C ARG C 74 3.52 -18.96 18.41
N LEU C 75 2.67 -18.53 17.48
CA LEU C 75 2.30 -19.38 16.35
C LEU C 75 3.44 -19.59 15.34
N GLN C 76 4.37 -18.63 15.30
CA GLN C 76 5.56 -18.74 14.45
C GLN C 76 6.59 -19.67 15.10
N GLU C 77 6.81 -19.50 16.40
CA GLU C 77 7.71 -20.36 17.18
C GLU C 77 7.31 -21.84 17.08
N ARG C 78 6.01 -22.09 17.05
CA ARG C 78 5.46 -23.45 17.02
C ARG C 78 5.16 -23.96 15.59
N GLY C 79 5.54 -23.19 14.57
CA GLY C 79 5.43 -23.61 13.18
C GLY C 79 4.01 -23.65 12.62
N LEU C 80 3.07 -23.01 13.29
CA LEU C 80 1.67 -23.02 12.84
C LEU C 80 1.41 -21.99 11.74
N ARG C 81 2.06 -20.83 11.81
CA ARG C 81 1.84 -19.76 10.83
C ARG C 81 2.22 -20.20 9.41
N SER C 82 3.27 -21.02 9.31
CA SER C 82 3.74 -21.53 8.02
C SER C 82 2.72 -22.42 7.32
N GLN C 83 1.85 -23.07 8.09
CA GLN C 83 0.82 -23.95 7.55
C GLN C 83 -0.45 -23.19 7.16
N CYS C 84 -0.51 -21.89 7.47
CA CYS C 84 -1.72 -21.08 7.24
C CYS C 84 -1.51 -19.98 6.19
N GLU C 85 -2.62 -19.56 5.60
CA GLU C 85 -2.66 -18.33 4.81
C GLU C 85 -2.72 -17.16 5.80
N CYS C 86 -1.93 -16.12 5.54
CA CYS C 86 -1.83 -14.98 6.45
C CYS C 86 -2.28 -13.69 5.77
N LEU C 87 -3.38 -13.13 6.26
CA LEU C 87 -3.97 -11.91 5.72
C LEU C 87 -3.79 -10.76 6.70
N ARG C 88 -3.76 -9.54 6.16
CA ARG C 88 -3.52 -8.34 6.94
C ARG C 88 -4.80 -7.76 7.54
N GLY C 89 -5.94 -8.04 6.91
CA GLY C 89 -7.23 -7.50 7.34
C GLY C 89 -7.51 -6.16 6.71
N ARG C 90 -8.41 -5.40 7.33
CA ARG C 90 -8.81 -4.08 6.82
C ARG C 90 -9.67 -3.32 7.83
N LYS C 91 -9.76 -2.01 7.65
CA LYS C 91 -10.71 -1.20 8.41
C LYS C 91 -12.11 -1.51 7.94
N ALA C 92 -13.02 -1.72 8.90
CA ALA C 92 -14.43 -1.85 8.59
C ALA C 92 -14.93 -0.48 8.12
N SER C 93 -15.80 -0.46 7.12
CA SER C 93 -16.39 0.78 6.66
C SER C 93 -17.39 1.29 7.68
N LEU C 94 -17.69 2.59 7.61
CA LEU C 94 -18.72 3.19 8.46
C LEU C 94 -20.09 2.52 8.28
N GLU C 95 -20.41 2.16 7.03
CA GLU C 95 -21.67 1.47 6.71
C GLU C 95 -21.72 0.07 7.33
N GLU C 96 -20.58 -0.61 7.33
CA GLU C 96 -20.46 -1.90 8.02
C GLU C 96 -20.70 -1.75 9.53
N LEU C 97 -20.18 -0.67 10.10
CA LEU C 97 -20.41 -0.36 11.52
C LEU C 97 -21.87 -0.02 11.80
N GLN C 98 -22.51 0.66 10.85
CA GLN C 98 -23.94 1.00 10.95
C GLN C 98 -24.85 -0.23 11.05
N SER C 99 -24.40 -1.37 10.54
CA SER C 99 -25.21 -2.58 10.58
C SER C 99 -25.48 -3.04 12.01
N VAL C 100 -24.51 -2.79 12.89
CA VAL C 100 -24.62 -3.16 14.30
C VAL C 100 -24.84 -1.95 15.22
N HIS C 101 -24.21 -0.81 14.92
CA HIS C 101 -24.22 0.34 15.82
C HIS C 101 -24.98 1.55 15.32
N SER C 102 -25.27 2.47 16.23
CA SER C 102 -26.00 3.70 15.92
C SER C 102 -25.12 4.70 15.17
N GLU C 103 -25.73 5.75 14.65
CA GLU C 103 -25.02 6.77 13.86
C GLU C 103 -24.08 7.61 14.73
N ARG C 104 -24.54 8.01 15.90
CA ARG C 104 -23.72 8.79 16.83
C ARG C 104 -22.55 7.95 17.38
N HIS C 105 -22.79 6.66 17.60
CA HIS C 105 -21.73 5.75 18.02
C HIS C 105 -20.66 5.63 16.93
N VAL C 106 -21.10 5.40 15.70
CA VAL C 106 -20.21 5.23 14.56
C VAL C 106 -19.42 6.52 14.28
N LEU C 107 -20.08 7.67 14.34
CA LEU C 107 -19.40 8.95 14.19
C LEU C 107 -18.35 9.16 15.27
N LEU C 108 -18.77 9.03 16.54
CA LEU C 108 -17.91 9.31 17.69
C LEU C 108 -16.64 8.45 17.71
N TYR C 109 -16.79 7.15 17.47
CA TYR C 109 -15.68 6.21 17.58
C TYR C 109 -15.10 5.76 16.23
N GLY C 110 -15.79 6.04 15.13
CA GLY C 110 -15.36 5.59 13.81
C GLY C 110 -14.61 6.62 12.98
N THR C 111 -14.52 7.85 13.49
CA THR C 111 -13.81 8.93 12.81
C THR C 111 -13.06 9.81 13.81
N ASN C 112 -11.95 10.42 13.35
CA ASN C 112 -11.16 11.34 14.18
C ASN C 112 -11.79 12.76 14.10
N PRO C 113 -11.00 13.85 13.86
CA PRO C 113 -9.57 14.14 13.68
C PRO C 113 -8.83 14.32 15.01
N LEU C 136 -9.07 10.72 32.30
CA LEU C 136 -8.62 9.64 33.18
C LEU C 136 -7.63 10.17 34.23
N PRO C 137 -7.52 9.48 35.38
CA PRO C 137 -6.62 9.92 36.45
C PRO C 137 -5.13 9.80 36.11
N CYS C 138 -4.79 8.95 35.13
CA CYS C 138 -3.42 8.83 34.65
C CYS C 138 -3.02 9.96 33.69
N GLY C 139 -4.01 10.69 33.19
CA GLY C 139 -3.76 11.81 32.27
C GLY C 139 -4.33 11.60 30.88
N GLY C 140 -4.57 10.34 30.50
CA GLY C 140 -5.11 10.03 29.19
C GLY C 140 -6.61 10.26 29.09
N VAL C 141 -7.17 9.89 27.94
CA VAL C 141 -8.61 10.01 27.69
C VAL C 141 -9.21 8.60 27.53
N GLY C 142 -10.49 8.47 27.84
CA GLY C 142 -11.21 7.21 27.64
C GLY C 142 -12.72 7.41 27.64
N VAL C 143 -13.48 6.33 27.46
CA VAL C 143 -14.93 6.37 27.65
C VAL C 143 -15.26 6.06 29.10
N ASP C 144 -14.37 5.32 29.76
CA ASP C 144 -14.38 5.16 31.21
C ASP C 144 -12.98 4.80 31.68
N THR C 145 -12.82 4.54 32.98
CA THR C 145 -11.51 4.20 33.55
C THR C 145 -10.85 3.01 32.85
N ASP C 146 -11.64 2.00 32.51
CA ASP C 146 -11.13 0.81 31.82
C ASP C 146 -10.92 1.04 30.32
N THR C 147 -11.98 1.46 29.62
CA THR C 147 -11.95 1.57 28.17
C THR C 147 -11.20 2.83 27.72
N ILE C 148 -9.96 2.63 27.28
CA ILE C 148 -9.04 3.72 26.90
C ILE C 148 -9.39 4.34 25.55
N TRP C 149 -8.95 5.57 25.32
CA TRP C 149 -9.08 6.20 24.00
C TRP C 149 -7.83 6.95 23.57
N ASN C 150 -7.06 6.32 22.68
CA ASN C 150 -5.95 6.99 22.01
C ASN C 150 -6.49 7.86 20.88
N GLU C 151 -6.18 9.16 20.93
CA GLU C 151 -6.79 10.15 20.04
C GLU C 151 -6.39 10.02 18.57
N LEU C 152 -5.28 9.33 18.30
CA LEU C 152 -4.82 9.12 16.94
C LEU C 152 -5.13 7.70 16.43
N HIS C 153 -5.05 6.71 17.30
CA HIS C 153 -4.97 5.30 16.87
C HIS C 153 -6.13 4.39 17.25
N SER C 154 -6.86 4.71 18.32
CA SER C 154 -7.90 3.79 18.82
C SER C 154 -8.98 3.50 17.78
N SER C 155 -9.46 4.56 17.13
CA SER C 155 -10.48 4.43 16.09
C SER C 155 -10.02 3.48 14.96
N ASN C 156 -8.76 3.59 14.58
CA ASN C 156 -8.19 2.72 13.55
C ASN C 156 -8.07 1.28 14.00
N ALA C 157 -7.67 1.08 15.26
CA ALA C 157 -7.50 -0.25 15.82
C ALA C 157 -8.85 -0.95 15.92
N ALA C 158 -9.84 -0.24 16.48
CA ALA C 158 -11.20 -0.77 16.61
C ALA C 158 -11.80 -1.14 15.25
N ARG C 159 -11.65 -0.25 14.27
CA ARG C 159 -12.17 -0.49 12.93
C ARG C 159 -11.41 -1.61 12.21
N TRP C 160 -10.14 -1.78 12.55
CA TRP C 160 -9.37 -2.90 11.99
C TRP C 160 -9.88 -4.23 12.54
N ALA C 161 -10.10 -4.30 13.86
CA ALA C 161 -10.62 -5.51 14.49
C ALA C 161 -11.92 -5.97 13.84
N ALA C 162 -12.84 -5.03 13.68
CA ALA C 162 -14.17 -5.31 13.11
C ALA C 162 -14.09 -5.68 11.63
N GLY C 163 -13.30 -4.91 10.87
CA GLY C 163 -13.15 -5.13 9.43
C GLY C 163 -12.36 -6.38 9.07
N SER C 164 -11.54 -6.86 10.00
CA SER C 164 -10.71 -8.04 9.77
C SER C 164 -11.50 -9.32 10.03
N VAL C 165 -12.23 -9.37 11.14
CA VAL C 165 -13.07 -10.53 11.47
C VAL C 165 -14.14 -10.73 10.41
N THR C 166 -14.66 -9.63 9.86
CA THR C 166 -15.64 -9.67 8.78
C THR C 166 -15.03 -10.28 7.50
N ASP C 167 -13.84 -9.82 7.14
CA ASP C 167 -13.17 -10.27 5.93
C ASP C 167 -12.87 -11.77 6.01
N LEU C 168 -12.40 -12.22 7.19
CA LEU C 168 -12.09 -13.63 7.42
C LEU C 168 -13.34 -14.50 7.32
N ALA C 169 -14.43 -14.04 7.95
CA ALA C 169 -15.71 -14.76 7.91
C ALA C 169 -16.21 -14.92 6.48
N PHE C 170 -16.01 -13.90 5.65
CA PHE C 170 -16.44 -13.95 4.25
C PHE C 170 -15.67 -15.01 3.47
N LYS C 171 -14.34 -15.03 3.63
CA LYS C 171 -13.50 -15.99 2.92
C LYS C 171 -13.83 -17.43 3.32
N VAL C 172 -14.15 -17.63 4.60
CA VAL C 172 -14.59 -18.94 5.09
C VAL C 172 -16.01 -19.24 4.63
N ALA C 173 -16.84 -18.20 4.53
CA ALA C 173 -18.20 -18.34 3.98
C ALA C 173 -18.20 -18.69 2.49
N SER C 174 -17.19 -18.22 1.77
CA SER C 174 -17.07 -18.48 0.33
C SER C 174 -16.33 -19.78 0.01
N ARG C 175 -16.09 -20.61 1.03
CA ARG C 175 -15.28 -21.83 0.89
C ARG C 175 -13.88 -21.52 0.34
N GLU C 176 -13.44 -20.27 0.52
CA GLU C 176 -12.15 -19.82 0.03
C GLU C 176 -11.10 -20.28 1.02
N LEU C 177 -11.35 -20.04 2.30
CA LEU C 177 -10.61 -20.64 3.40
C LEU C 177 -11.48 -21.73 4.03
N LYS C 178 -10.85 -22.73 4.64
CA LYS C 178 -11.57 -23.79 5.34
C LYS C 178 -12.07 -23.27 6.69
N ASN C 179 -11.19 -22.57 7.41
CA ASN C 179 -11.53 -21.96 8.69
C ASN C 179 -10.53 -20.83 9.01
N GLY C 180 -10.69 -20.19 10.16
CA GLY C 180 -9.82 -19.07 10.51
C GLY C 180 -9.79 -18.66 11.97
N PHE C 181 -8.78 -17.86 12.31
CA PHE C 181 -8.62 -17.29 13.65
C PHE C 181 -8.04 -15.88 13.52
N ALA C 182 -8.79 -14.89 13.98
CA ALA C 182 -8.38 -13.49 13.88
C ALA C 182 -7.78 -13.03 15.19
N VAL C 183 -6.47 -12.79 15.18
CA VAL C 183 -5.76 -12.30 16.37
C VAL C 183 -5.86 -10.77 16.39
N VAL C 184 -6.98 -10.27 16.91
CA VAL C 184 -7.31 -8.86 16.85
C VAL C 184 -7.50 -8.23 18.23
N ARG C 185 -7.36 -6.91 18.26
CA ARG C 185 -7.71 -6.11 19.43
C ARG C 185 -8.01 -4.67 18.99
N PRO C 186 -8.81 -3.93 19.78
CA PRO C 186 -9.47 -4.32 21.02
C PRO C 186 -10.63 -5.31 20.81
N PRO C 187 -11.09 -5.95 21.90
CA PRO C 187 -12.21 -6.87 21.83
C PRO C 187 -13.54 -6.15 21.55
N GLY C 188 -14.61 -6.92 21.34
CA GLY C 188 -15.87 -6.33 20.86
C GLY C 188 -17.19 -6.78 21.47
N HIS C 189 -17.24 -7.93 22.13
CA HIS C 189 -18.53 -8.53 22.47
C HIS C 189 -19.34 -7.80 23.55
N HIS C 190 -18.73 -6.85 24.25
CA HIS C 190 -19.44 -6.00 25.21
C HIS C 190 -20.08 -4.77 24.56
N ALA C 191 -19.53 -4.33 23.42
CA ALA C 191 -20.03 -3.15 22.72
C ALA C 191 -21.45 -3.36 22.20
N ASP C 192 -22.39 -2.57 22.71
CA ASP C 192 -23.79 -2.64 22.31
C ASP C 192 -24.07 -1.60 21.22
N HIS C 193 -25.23 -1.72 20.56
CA HIS C 193 -25.66 -0.82 19.48
C HIS C 193 -25.17 0.63 19.61
N SER C 194 -25.23 1.20 20.82
CA SER C 194 -24.76 2.56 21.03
C SER C 194 -24.08 2.75 22.38
N THR C 195 -23.18 1.83 22.72
CA THR C 195 -22.47 1.85 24.00
C THR C 195 -21.11 1.17 23.89
N ALA C 196 -20.05 1.94 24.10
CA ALA C 196 -18.69 1.39 24.23
C ALA C 196 -18.42 1.17 25.70
N MET C 197 -17.95 -0.03 26.05
CA MET C 197 -17.74 -0.40 27.45
C MET C 197 -16.84 -1.62 27.58
N GLY C 198 -16.44 -1.92 28.81
CA GLY C 198 -15.63 -3.09 29.11
C GLY C 198 -14.61 -3.42 28.03
N PHE C 199 -13.71 -2.45 27.77
CA PHE C 199 -12.62 -2.60 26.81
C PHE C 199 -13.05 -2.77 25.34
N CYS C 200 -14.32 -2.50 25.04
CA CYS C 200 -14.86 -2.68 23.69
C CYS C 200 -15.42 -1.39 23.12
N PHE C 201 -15.40 -1.29 21.79
CA PHE C 201 -15.93 -0.14 21.06
C PHE C 201 -16.92 -0.60 19.99
N PHE C 202 -16.51 -1.58 19.19
CA PHE C 202 -17.36 -2.17 18.16
C PHE C 202 -17.42 -3.68 18.32
N ASN C 203 -18.60 -4.25 18.09
CA ASN C 203 -18.79 -5.69 18.21
C ASN C 203 -18.40 -6.37 16.90
N SER C 204 -17.10 -6.68 16.80
CA SER C 204 -16.52 -7.26 15.59
C SER C 204 -17.30 -8.47 15.12
N VAL C 205 -17.56 -9.40 16.03
CA VAL C 205 -18.22 -10.66 15.68
C VAL C 205 -19.66 -10.41 15.22
N ALA C 206 -20.36 -9.48 15.87
CA ALA C 206 -21.72 -9.12 15.50
C ALA C 206 -21.78 -8.48 14.12
N ILE C 207 -20.80 -7.63 13.83
CA ILE C 207 -20.70 -6.97 12.53
C ILE C 207 -20.47 -8.01 11.44
N ALA C 208 -19.52 -8.91 11.67
CA ALA C 208 -19.22 -10.00 10.74
C ALA C 208 -20.46 -10.85 10.45
N CYS C 209 -21.23 -11.15 11.51
CA CYS C 209 -22.46 -11.94 11.37
C CYS C 209 -23.51 -11.19 10.54
N ARG C 210 -23.70 -9.90 10.85
CA ARG C 210 -24.65 -9.06 10.10
C ARG C 210 -24.30 -8.98 8.61
N GLN C 211 -23.03 -8.77 8.30
CA GLN C 211 -22.61 -8.62 6.91
C GLN C 211 -22.75 -9.92 6.12
N LEU C 212 -22.59 -11.06 6.78
CA LEU C 212 -22.86 -12.37 6.15
C LEU C 212 -24.33 -12.50 5.71
N GLN C 213 -25.23 -12.03 6.56
CA GLN C 213 -26.67 -12.08 6.28
C GLN C 213 -27.05 -11.15 5.14
N GLN C 214 -26.55 -9.92 5.19
CA GLN C 214 -26.90 -8.89 4.21
C GLN C 214 -26.33 -9.16 2.82
N GLN C 215 -25.13 -9.73 2.77
CA GLN C 215 -24.50 -10.09 1.48
C GLN C 215 -24.80 -11.51 1.02
N SER C 216 -25.73 -12.18 1.72
CA SER C 216 -26.21 -13.51 1.34
C SER C 216 -25.12 -14.59 1.44
N LYS C 217 -24.12 -14.38 2.29
CA LYS C 217 -23.04 -15.34 2.50
C LYS C 217 -23.51 -16.53 3.34
N ALA C 218 -24.52 -16.30 4.17
CA ALA C 218 -25.07 -17.34 5.04
C ALA C 218 -26.43 -16.91 5.57
N SER C 219 -27.28 -17.89 5.88
CA SER C 219 -28.60 -17.62 6.43
C SER C 219 -28.60 -17.85 7.93
N LYS C 220 -28.34 -19.09 8.34
CA LYS C 220 -28.33 -19.45 9.75
C LYS C 220 -26.89 -19.46 10.31
N ILE C 221 -26.67 -18.62 11.32
CA ILE C 221 -25.35 -18.45 11.93
C ILE C 221 -25.38 -18.76 13.42
N LEU C 222 -24.36 -19.48 13.89
CA LEU C 222 -24.17 -19.77 15.30
C LEU C 222 -23.02 -18.92 15.83
N ILE C 223 -23.24 -18.27 16.97
CA ILE C 223 -22.16 -17.63 17.71
C ILE C 223 -21.96 -18.33 19.04
N VAL C 224 -20.79 -18.94 19.22
CA VAL C 224 -20.39 -19.48 20.51
C VAL C 224 -19.47 -18.48 21.14
N ASP C 225 -19.78 -18.07 22.36
CA ASP C 225 -18.96 -17.12 23.10
C ASP C 225 -18.47 -17.78 24.39
N TRP C 226 -17.25 -18.30 24.38
CA TRP C 226 -16.71 -19.00 25.55
C TRP C 226 -15.79 -18.13 26.42
N ASP C 227 -15.68 -16.85 26.10
CA ASP C 227 -15.05 -15.86 26.99
C ASP C 227 -15.75 -15.94 28.35
N VAL C 228 -15.00 -15.81 29.43
CA VAL C 228 -15.57 -15.97 30.77
C VAL C 228 -16.66 -14.92 31.10
N HIS C 229 -16.64 -13.78 30.40
CA HIS C 229 -17.64 -12.71 30.59
C HIS C 229 -18.77 -12.81 29.57
N HIS C 230 -19.95 -12.29 29.93
CA HIS C 230 -21.11 -12.34 29.05
C HIS C 230 -21.00 -11.31 27.93
N GLY C 231 -21.18 -11.76 26.69
CA GLY C 231 -21.20 -10.86 25.54
C GLY C 231 -22.52 -10.12 25.43
N ASN C 232 -22.71 -9.15 26.31
CA ASN C 232 -23.98 -8.40 26.39
C ASN C 232 -24.39 -7.78 25.04
N GLY C 233 -23.43 -7.16 24.36
CA GLY C 233 -23.68 -6.54 23.07
C GLY C 233 -24.18 -7.53 22.03
N THR C 234 -23.50 -8.68 21.96
CA THR C 234 -23.86 -9.73 21.02
C THR C 234 -25.27 -10.26 21.30
N GLN C 235 -25.59 -10.49 22.58
CA GLN C 235 -26.94 -10.93 22.95
C GLN C 235 -27.98 -9.90 22.54
N GLN C 236 -27.73 -8.62 22.85
CA GLN C 236 -28.65 -7.54 22.53
C GLN C 236 -28.92 -7.46 21.03
N THR C 237 -27.86 -7.57 20.22
CA THR C 237 -27.96 -7.34 18.79
C THR C 237 -28.84 -8.36 18.06
N PHE C 238 -28.74 -9.63 18.43
CA PHE C 238 -29.44 -10.70 17.72
C PHE C 238 -30.59 -11.33 18.53
N TYR C 239 -31.17 -10.56 19.46
CA TYR C 239 -32.19 -11.08 20.38
C TYR C 239 -33.51 -11.44 19.69
N GLN C 240 -33.92 -10.64 18.70
CA GLN C 240 -35.16 -10.87 17.95
C GLN C 240 -34.98 -11.76 16.71
N ASP C 241 -33.74 -12.17 16.44
CA ASP C 241 -33.39 -12.84 15.18
C ASP C 241 -33.36 -14.37 15.33
N PRO C 242 -34.27 -15.08 14.64
CA PRO C 242 -34.28 -16.55 14.64
C PRO C 242 -33.20 -17.18 13.74
N SER C 243 -32.59 -16.39 12.87
CA SER C 243 -31.53 -16.86 11.98
C SER C 243 -30.16 -16.85 12.65
N VAL C 244 -30.07 -16.28 13.85
CA VAL C 244 -28.82 -16.27 14.63
C VAL C 244 -29.02 -16.95 15.99
N LEU C 245 -28.16 -17.91 16.28
CA LEU C 245 -28.16 -18.61 17.57
C LEU C 245 -26.97 -18.14 18.40
N TYR C 246 -27.23 -17.63 19.60
CA TYR C 246 -26.17 -17.20 20.50
C TYR C 246 -26.10 -18.14 21.70
N ILE C 247 -24.97 -18.84 21.82
CA ILE C 247 -24.71 -19.67 22.99
C ILE C 247 -23.51 -19.10 23.72
N SER C 248 -23.71 -18.71 24.98
CA SER C 248 -22.66 -18.11 25.78
C SER C 248 -22.47 -18.89 27.07
N LEU C 249 -21.21 -19.27 27.35
CA LEU C 249 -20.83 -19.88 28.62
C LEU C 249 -20.05 -18.85 29.44
N HIS C 250 -20.64 -18.36 30.53
CA HIS C 250 -19.98 -17.33 31.35
C HIS C 250 -20.19 -17.52 32.84
N ARG C 251 -19.25 -16.98 33.60
CA ARG C 251 -19.37 -16.84 35.04
C ARG C 251 -20.46 -15.80 35.30
N HIS C 252 -21.51 -16.19 36.02
CA HIS C 252 -22.65 -15.31 36.28
C HIS C 252 -22.78 -14.98 37.76
N ASP C 253 -22.86 -16.03 38.59
CA ASP C 253 -22.93 -15.88 40.04
C ASP C 253 -24.05 -14.92 40.47
N ASP C 254 -25.28 -15.27 40.09
CA ASP C 254 -26.47 -14.49 40.46
C ASP C 254 -26.36 -13.01 40.07
N GLY C 255 -25.71 -12.73 38.95
CA GLY C 255 -25.59 -11.37 38.43
C GLY C 255 -24.54 -10.50 39.11
N ASN C 256 -23.57 -11.14 39.79
CA ASN C 256 -22.52 -10.42 40.52
C ASN C 256 -21.16 -10.50 39.83
N PHE C 257 -21.17 -10.56 38.52
CA PHE C 257 -19.93 -10.58 37.74
C PHE C 257 -20.14 -9.82 36.44
N PHE C 258 -19.16 -9.00 36.06
CA PHE C 258 -19.28 -8.16 34.88
C PHE C 258 -19.68 -8.99 33.66
N PRO C 259 -20.63 -8.48 32.84
CA PRO C 259 -21.37 -7.21 32.95
C PRO C 259 -22.60 -7.24 33.84
N GLY C 260 -22.92 -8.40 34.43
CA GLY C 260 -24.11 -8.54 35.28
C GLY C 260 -25.32 -9.07 34.53
N SER C 261 -25.16 -9.26 33.22
CA SER C 261 -26.24 -9.74 32.36
C SER C 261 -26.04 -11.21 32.00
N GLY C 262 -26.98 -11.75 31.22
CA GLY C 262 -26.86 -13.08 30.66
C GLY C 262 -27.41 -14.20 31.52
N ALA C 263 -28.50 -13.93 32.24
CA ALA C 263 -29.14 -14.95 33.05
C ALA C 263 -29.75 -16.04 32.16
N VAL C 264 -29.81 -17.26 32.68
CA VAL C 264 -30.38 -18.38 31.96
C VAL C 264 -31.80 -18.08 31.43
N ASP C 265 -32.55 -17.27 32.17
CA ASP C 265 -33.94 -16.93 31.81
C ASP C 265 -34.07 -16.14 30.51
N GLU C 266 -33.03 -15.39 30.15
CA GLU C 266 -33.06 -14.56 28.95
C GLU C 266 -32.84 -15.43 27.71
N VAL C 267 -33.92 -15.64 26.94
CA VAL C 267 -33.97 -16.66 25.90
C VAL C 267 -34.19 -16.14 24.47
N GLY C 268 -34.28 -14.82 24.32
CA GLY C 268 -34.63 -14.20 23.04
C GLY C 268 -36.08 -13.79 23.01
N ALA C 269 -36.44 -12.91 22.06
CA ALA C 269 -37.81 -12.39 21.94
C ALA C 269 -38.33 -12.54 20.52
N GLY C 270 -39.65 -12.45 20.38
CA GLY C 270 -40.32 -12.54 19.07
C GLY C 270 -40.09 -13.85 18.35
N SER C 271 -39.85 -13.77 17.04
CA SER C 271 -39.52 -14.93 16.22
C SER C 271 -38.25 -15.62 16.72
N GLY C 272 -37.33 -14.86 17.30
CA GLY C 272 -36.06 -15.38 17.81
C GLY C 272 -36.10 -15.91 19.24
N GLU C 273 -37.30 -16.12 19.79
CA GLU C 273 -37.45 -16.65 21.14
C GLU C 273 -37.03 -18.12 21.17
N GLY C 274 -36.01 -18.43 21.97
CA GLY C 274 -35.43 -19.77 22.03
C GLY C 274 -34.03 -19.85 21.43
N PHE C 275 -33.70 -18.88 20.60
CA PHE C 275 -32.40 -18.86 19.91
C PHE C 275 -31.32 -18.08 20.70
N ASN C 276 -31.50 -17.96 22.02
CA ASN C 276 -30.49 -17.36 22.90
C ASN C 276 -30.26 -18.26 24.12
N VAL C 277 -29.10 -18.90 24.19
CA VAL C 277 -28.80 -19.86 25.25
C VAL C 277 -27.63 -19.38 26.10
N ASN C 278 -27.93 -18.89 27.29
CA ASN C 278 -26.91 -18.50 28.25
C ASN C 278 -26.62 -19.64 29.21
N VAL C 279 -25.42 -20.19 29.11
CA VAL C 279 -24.95 -21.15 30.12
C VAL C 279 -24.30 -20.33 31.22
N ALA C 280 -25.13 -19.84 32.14
CA ALA C 280 -24.70 -18.97 33.23
C ALA C 280 -24.23 -19.82 34.40
N TRP C 281 -22.91 -19.85 34.63
CA TRP C 281 -22.34 -20.60 35.75
C TRP C 281 -22.61 -19.85 37.06
N ALA C 282 -23.25 -20.53 38.01
CA ALA C 282 -23.49 -19.97 39.34
C ALA C 282 -22.79 -20.80 40.40
N GLY C 283 -22.60 -20.21 41.58
CA GLY C 283 -22.00 -20.91 42.72
C GLY C 283 -20.72 -20.28 43.20
N GLY C 284 -19.93 -19.71 42.28
CA GLY C 284 -18.66 -19.09 42.63
C GLY C 284 -17.49 -19.98 42.28
N LEU C 285 -16.30 -19.55 42.69
CA LEU C 285 -15.05 -20.20 42.26
C LEU C 285 -14.76 -21.54 42.95
N ASP C 286 -15.42 -21.78 44.08
CA ASP C 286 -15.18 -22.97 44.89
C ASP C 286 -16.45 -23.84 44.95
N PRO C 287 -16.38 -25.12 44.51
CA PRO C 287 -15.24 -25.86 43.94
C PRO C 287 -14.81 -25.34 42.57
N PRO C 288 -13.65 -25.80 42.07
CA PRO C 288 -13.07 -25.24 40.85
C PRO C 288 -13.90 -25.47 39.59
N MET C 289 -13.90 -24.48 38.71
CA MET C 289 -14.52 -24.57 37.39
C MET C 289 -13.43 -24.84 36.35
N GLY C 290 -13.56 -25.95 35.62
CA GLY C 290 -12.52 -26.37 34.68
C GLY C 290 -13.06 -27.13 33.49
N ASP C 291 -12.30 -28.12 33.04
CA ASP C 291 -12.62 -28.87 31.83
C ASP C 291 -13.86 -29.77 31.95
N PRO C 292 -14.00 -30.50 33.08
CA PRO C 292 -15.18 -31.36 33.21
C PRO C 292 -16.50 -30.58 33.04
N GLU C 293 -16.50 -29.35 33.52
CA GLU C 293 -17.69 -28.50 33.47
C GLU C 293 -17.95 -28.00 32.05
N TYR C 294 -16.91 -27.51 31.38
CA TYR C 294 -17.03 -27.04 30.01
C TYR C 294 -17.29 -28.18 29.02
N LEU C 295 -16.62 -29.30 29.21
CA LEU C 295 -16.89 -30.50 28.39
C LEU C 295 -18.35 -30.93 28.56
N ALA C 296 -18.79 -31.05 29.81
CA ALA C 296 -20.18 -31.37 30.13
C ALA C 296 -21.15 -30.43 29.42
N ALA C 297 -20.86 -29.13 29.50
CA ALA C 297 -21.65 -28.09 28.82
C ALA C 297 -21.73 -28.31 27.31
N PHE C 298 -20.61 -28.72 26.71
CA PHE C 298 -20.58 -29.01 25.27
C PHE C 298 -21.36 -30.27 24.91
N ARG C 299 -21.25 -31.32 25.73
CA ARG C 299 -22.01 -32.55 25.50
C ARG C 299 -23.50 -32.33 25.62
N ILE C 300 -23.93 -31.76 26.74
CA ILE C 300 -25.34 -31.72 27.12
C ILE C 300 -26.10 -30.57 26.44
N VAL C 301 -25.49 -29.40 26.35
CA VAL C 301 -26.19 -28.21 25.86
C VAL C 301 -25.73 -27.72 24.48
N VAL C 302 -24.47 -27.31 24.37
CA VAL C 302 -24.02 -26.54 23.20
C VAL C 302 -24.15 -27.29 21.87
N MET C 303 -23.58 -28.49 21.81
CA MET C 303 -23.53 -29.24 20.54
C MET C 303 -24.88 -29.81 20.11
N PRO C 304 -25.67 -30.33 21.06
CA PRO C 304 -27.02 -30.75 20.67
C PRO C 304 -27.88 -29.62 20.10
N ILE C 305 -27.90 -28.49 20.79
CA ILE C 305 -28.65 -27.32 20.32
C ILE C 305 -28.06 -26.81 19.01
N ALA C 306 -26.73 -26.79 18.92
CA ALA C 306 -26.04 -26.39 17.70
C ALA C 306 -26.41 -27.27 16.53
N ARG C 307 -26.35 -28.59 16.73
CA ARG C 307 -26.71 -29.56 15.69
C ARG C 307 -28.19 -29.49 15.32
N GLU C 308 -29.06 -29.26 16.30
CA GLU C 308 -30.50 -29.13 16.04
C GLU C 308 -30.77 -27.86 15.22
N PHE C 309 -30.12 -26.78 15.62
CA PHE C 309 -30.15 -25.51 14.88
C PHE C 309 -29.55 -25.68 13.49
N SER C 310 -28.38 -26.34 13.42
CA SER C 310 -27.74 -26.69 12.15
C SER C 310 -27.29 -25.45 11.36
N PRO C 311 -26.26 -24.75 11.86
CA PRO C 311 -25.81 -23.51 11.23
C PRO C 311 -25.08 -23.72 9.91
N ASP C 312 -24.97 -22.64 9.13
CA ASP C 312 -24.18 -22.64 7.89
C ASP C 312 -22.74 -22.25 8.20
N LEU C 313 -22.57 -21.32 9.14
CA LEU C 313 -21.25 -20.90 9.57
C LEU C 313 -21.24 -20.60 11.07
N VAL C 314 -20.10 -20.82 11.71
CA VAL C 314 -19.93 -20.63 13.14
C VAL C 314 -18.90 -19.55 13.45
N LEU C 315 -19.35 -18.48 14.10
CA LEU C 315 -18.45 -17.44 14.61
C LEU C 315 -18.19 -17.73 16.08
N VAL C 316 -16.95 -17.56 16.53
CA VAL C 316 -16.62 -17.81 17.93
C VAL C 316 -15.94 -16.62 18.58
N SER C 317 -16.57 -16.10 19.63
CA SER C 317 -15.95 -15.11 20.49
C SER C 317 -15.02 -15.85 21.45
N ALA C 318 -13.79 -16.07 20.97
CA ALA C 318 -12.81 -16.90 21.67
C ALA C 318 -11.99 -16.08 22.65
N GLY C 319 -12.57 -15.79 23.80
CA GLY C 319 -11.84 -15.21 24.92
C GLY C 319 -11.20 -16.33 25.69
N PHE C 320 -10.01 -16.07 26.25
CA PHE C 320 -9.31 -17.09 27.03
C PHE C 320 -9.09 -16.67 28.49
N ASP C 321 -9.99 -15.83 28.98
CA ASP C 321 -9.94 -15.39 30.39
C ASP C 321 -10.60 -16.42 31.33
N ALA C 322 -11.19 -17.47 30.77
CA ALA C 322 -11.62 -18.63 31.56
C ALA C 322 -10.46 -19.61 31.78
N ALA C 323 -9.33 -19.35 31.11
CA ALA C 323 -8.14 -20.19 31.23
C ALA C 323 -7.42 -20.00 32.56
N GLU C 324 -6.41 -20.83 32.78
CA GLU C 324 -5.57 -20.77 33.98
C GLU C 324 -4.85 -19.43 34.07
N GLY C 325 -4.63 -18.96 35.29
CA GLY C 325 -3.89 -17.71 35.52
C GLY C 325 -4.75 -16.46 35.34
N HIS C 326 -5.96 -16.50 35.87
CA HIS C 326 -6.86 -15.34 35.84
C HIS C 326 -7.66 -15.29 37.16
N PRO C 327 -7.05 -14.72 38.21
CA PRO C 327 -7.74 -14.67 39.51
C PRO C 327 -8.91 -13.66 39.51
N ALA C 328 -9.84 -13.82 40.44
CA ALA C 328 -10.94 -12.88 40.59
C ALA C 328 -10.42 -11.48 40.93
N PRO C 329 -11.10 -10.41 40.46
CA PRO C 329 -12.33 -10.41 39.68
C PRO C 329 -12.13 -10.50 38.16
N LEU C 330 -11.07 -11.16 37.71
CA LEU C 330 -10.85 -11.36 36.28
C LEU C 330 -11.52 -12.64 35.77
N GLY C 331 -11.31 -13.75 36.48
CA GLY C 331 -11.84 -15.06 36.03
C GLY C 331 -12.04 -16.08 37.14
N GLY C 332 -10.95 -16.71 37.56
CA GLY C 332 -10.97 -17.70 38.63
C GLY C 332 -11.23 -19.11 38.16
N TYR C 333 -11.29 -19.31 36.84
CA TYR C 333 -11.57 -20.60 36.23
C TYR C 333 -10.27 -21.29 35.80
N HIS C 334 -10.35 -22.57 35.45
CA HIS C 334 -9.18 -23.38 35.16
C HIS C 334 -9.36 -24.22 33.90
N VAL C 335 -9.80 -23.59 32.81
CA VAL C 335 -9.97 -24.29 31.54
C VAL C 335 -8.61 -24.46 30.86
N SER C 336 -8.20 -25.71 30.67
CA SER C 336 -6.90 -26.02 30.08
C SER C 336 -6.85 -25.66 28.58
N ALA C 337 -5.65 -25.56 28.05
CA ALA C 337 -5.44 -25.19 26.65
C ALA C 337 -5.99 -26.26 25.70
N LYS C 338 -5.75 -27.52 26.02
CA LYS C 338 -6.23 -28.63 25.21
C LYS C 338 -7.75 -28.71 25.21
N CYS C 339 -8.37 -28.21 26.28
CA CYS C 339 -9.84 -28.12 26.37
C CYS C 339 -10.40 -27.10 25.39
N PHE C 340 -9.70 -25.98 25.19
CA PHE C 340 -10.09 -24.99 24.19
C PHE C 340 -9.95 -25.55 22.78
N GLY C 341 -8.84 -26.24 22.53
CA GLY C 341 -8.62 -26.92 21.25
C GLY C 341 -9.68 -27.95 20.95
N TYR C 342 -10.10 -28.70 21.98
CA TYR C 342 -11.13 -29.73 21.82
C TYR C 342 -12.52 -29.12 21.60
N MET C 343 -12.78 -27.97 22.23
CA MET C 343 -14.01 -27.24 21.97
C MET C 343 -14.03 -26.72 20.54
N THR C 344 -12.87 -26.28 20.05
CA THR C 344 -12.71 -25.85 18.67
C THR C 344 -12.94 -27.02 17.72
N GLN C 345 -12.28 -28.15 18.00
CA GLN C 345 -12.45 -29.37 17.21
C GLN C 345 -13.91 -29.81 17.16
N GLN C 346 -14.59 -29.75 18.30
CA GLN C 346 -16.00 -30.11 18.38
C GLN C 346 -16.85 -29.20 17.48
N LEU C 347 -16.57 -27.90 17.50
CA LEU C 347 -17.29 -26.95 16.67
C LEU C 347 -17.02 -27.12 15.17
N MET C 348 -15.88 -27.70 14.82
CA MET C 348 -15.54 -27.91 13.40
C MET C 348 -16.40 -28.98 12.73
N ASN C 349 -17.00 -29.87 13.52
CA ASN C 349 -17.97 -30.82 12.99
C ASN C 349 -19.23 -30.12 12.49
N LEU C 350 -19.50 -28.92 13.01
CA LEU C 350 -20.65 -28.12 12.58
C LEU C 350 -20.38 -27.37 11.28
N ALA C 351 -21.46 -26.93 10.64
CA ALA C 351 -21.42 -26.07 9.45
C ALA C 351 -20.50 -26.59 8.34
N GLY C 352 -20.33 -27.91 8.27
CA GLY C 352 -19.43 -28.53 7.29
C GLY C 352 -17.98 -28.12 7.43
N GLY C 353 -17.57 -27.69 8.61
CA GLY C 353 -16.19 -27.25 8.86
C GLY C 353 -15.97 -25.74 8.88
N ALA C 354 -17.00 -24.96 8.55
CA ALA C 354 -16.89 -23.50 8.46
C ALA C 354 -16.94 -22.86 9.84
N VAL C 355 -15.77 -22.67 10.44
CA VAL C 355 -15.65 -22.05 11.76
C VAL C 355 -14.64 -20.90 11.69
N VAL C 356 -14.96 -19.82 12.40
CA VAL C 356 -14.10 -18.64 12.48
C VAL C 356 -14.01 -18.19 13.93
N LEU C 357 -12.82 -18.28 14.51
CA LEU C 357 -12.59 -17.76 15.87
C LEU C 357 -12.12 -16.31 15.79
N ALA C 358 -12.52 -15.52 16.79
CA ALA C 358 -12.11 -14.13 16.92
C ALA C 358 -11.74 -13.86 18.37
N LEU C 359 -10.57 -13.24 18.58
CA LEU C 359 -10.07 -13.03 19.94
C LEU C 359 -10.91 -12.01 20.68
N GLU C 360 -11.24 -12.33 21.93
CA GLU C 360 -11.91 -11.39 22.82
C GLU C 360 -10.98 -11.12 24.02
N GLY C 361 -11.25 -11.72 25.18
CA GLY C 361 -10.47 -11.47 26.39
C GLY C 361 -9.35 -12.46 26.65
N GLY C 362 -8.80 -12.41 27.86
CA GLY C 362 -7.64 -13.21 28.25
C GLY C 362 -6.43 -12.31 28.43
N HIS C 363 -5.83 -12.34 29.63
CA HIS C 363 -4.73 -11.43 29.97
C HIS C 363 -3.37 -12.14 30.06
N ASP C 364 -3.29 -13.17 30.91
CA ASP C 364 -2.07 -13.95 31.09
C ASP C 364 -1.56 -14.44 29.74
N LEU C 365 -0.34 -14.02 29.37
CA LEU C 365 0.18 -14.25 28.04
C LEU C 365 0.41 -15.73 27.73
N THR C 366 1.06 -16.44 28.65
CA THR C 366 1.35 -17.87 28.43
C THR C 366 0.06 -18.67 28.32
N ALA C 367 -0.92 -18.32 29.16
CA ALA C 367 -2.22 -18.99 29.14
C ALA C 367 -2.96 -18.78 27.82
N ILE C 368 -3.00 -17.53 27.35
CA ILE C 368 -3.73 -17.19 26.12
C ILE C 368 -2.98 -17.64 24.87
N CYS C 369 -1.66 -17.81 24.99
CA CYS C 369 -0.86 -18.37 23.91
C CYS C 369 -1.10 -19.87 23.73
N ASP C 370 -1.11 -20.59 24.85
CA ASP C 370 -1.39 -22.03 24.84
C ASP C 370 -2.70 -22.34 24.12
N ALA C 371 -3.76 -21.64 24.51
CA ALA C 371 -5.08 -21.85 23.93
C ALA C 371 -5.11 -21.51 22.44
N SER C 372 -4.51 -20.38 22.07
CA SER C 372 -4.48 -19.96 20.68
C SER C 372 -3.78 -21.01 19.82
N GLU C 373 -2.60 -21.45 20.27
CA GLU C 373 -1.88 -22.56 19.64
C GLU C 373 -2.78 -23.78 19.55
N ALA C 374 -3.38 -24.15 20.68
CA ALA C 374 -4.25 -25.32 20.75
C ALA C 374 -5.43 -25.21 19.78
N CYS C 375 -6.08 -24.05 19.77
CA CYS C 375 -7.20 -23.79 18.86
C CYS C 375 -6.74 -23.83 17.39
N VAL C 376 -5.63 -23.15 17.10
CA VAL C 376 -5.08 -23.12 15.75
C VAL C 376 -4.67 -24.51 15.27
N ALA C 377 -4.00 -25.27 16.14
CA ALA C 377 -3.60 -26.64 15.83
C ALA C 377 -4.81 -27.49 15.48
N ALA C 378 -5.86 -27.40 16.29
CA ALA C 378 -7.12 -28.08 16.01
C ALA C 378 -7.78 -27.55 14.73
N LEU C 379 -7.65 -26.23 14.51
CA LEU C 379 -8.18 -25.58 13.31
C LEU C 379 -7.50 -26.09 12.04
N LEU C 380 -6.24 -26.53 12.18
CA LEU C 380 -5.47 -27.09 11.07
C LEU C 380 -5.76 -28.58 10.84
N GLY C 381 -6.69 -29.14 11.60
CA GLY C 381 -7.14 -30.52 11.41
C GLY C 381 -6.59 -31.50 12.42
N ASN C 382 -5.91 -31.00 13.46
CA ASN C 382 -5.37 -31.86 14.50
C ASN C 382 -6.48 -32.31 15.46
N ARG C 383 -6.33 -33.53 15.98
CA ARG C 383 -7.34 -34.10 16.86
C ARG C 383 -6.77 -34.30 18.25
N VAL C 384 -7.53 -33.86 19.26
CA VAL C 384 -7.19 -34.12 20.65
C VAL C 384 -7.83 -35.45 21.05
N ASP C 385 -7.10 -36.27 21.80
CA ASP C 385 -7.62 -37.55 22.28
C ASP C 385 -8.22 -37.36 23.67
N PRO C 386 -9.55 -37.51 23.81
CA PRO C 386 -10.20 -37.26 25.10
C PRO C 386 -9.85 -38.28 26.19
N LEU C 387 -9.51 -39.50 25.77
CA LEU C 387 -9.06 -40.55 26.70
C LEU C 387 -7.63 -40.34 27.20
N SER C 388 -6.92 -39.35 26.63
CA SER C 388 -5.54 -39.06 27.04
C SER C 388 -5.47 -37.96 28.10
N GLU C 389 -6.50 -37.85 28.93
CA GLU C 389 -6.50 -36.91 30.06
C GLU C 389 -7.26 -37.52 31.23
N GLU C 390 -6.52 -37.98 32.24
CA GLU C 390 -7.11 -38.63 33.42
C GLU C 390 -8.10 -37.70 34.13
N GLY C 391 -7.82 -36.40 34.13
CA GLY C 391 -8.69 -35.41 34.75
C GLY C 391 -10.04 -35.24 34.08
N TRP C 392 -10.11 -35.54 32.78
CA TRP C 392 -11.36 -35.48 32.03
C TRP C 392 -12.29 -36.66 32.37
N LYS C 393 -11.79 -37.63 33.14
CA LYS C 393 -12.63 -38.70 33.68
C LYS C 393 -13.49 -38.19 34.84
N GLN C 394 -13.07 -37.11 35.49
CA GLN C 394 -13.74 -36.59 36.68
C GLN C 394 -15.09 -35.94 36.35
N LYS C 395 -16.06 -36.14 37.24
CA LYS C 395 -17.40 -35.56 37.09
C LYS C 395 -17.37 -34.07 37.44
N PRO C 396 -18.18 -33.25 36.73
CA PRO C 396 -18.24 -31.82 36.99
C PRO C 396 -18.89 -31.50 38.34
N ASN C 397 -18.48 -30.40 38.97
CA ASN C 397 -18.95 -30.06 40.32
C ASN C 397 -20.44 -29.78 40.37
N LEU C 398 -20.98 -29.76 41.58
CA LEU C 398 -22.43 -29.66 41.78
C LEU C 398 -22.99 -28.31 41.36
N ASN C 399 -22.14 -27.28 41.38
CA ASN C 399 -22.54 -25.96 40.89
C ASN C 399 -22.80 -25.99 39.38
N ALA C 400 -21.89 -26.59 38.64
CA ALA C 400 -22.04 -26.74 37.20
C ALA C 400 -23.28 -27.57 36.85
N ILE C 401 -23.51 -28.64 37.60
CA ILE C 401 -24.67 -29.51 37.39
C ILE C 401 -25.96 -28.70 37.55
N ARG C 402 -26.09 -28.02 38.69
CA ARG C 402 -27.27 -27.19 38.98
C ARG C 402 -27.48 -26.10 37.92
N SER C 403 -26.39 -25.52 37.43
CA SER C 403 -26.46 -24.48 36.41
C SER C 403 -27.00 -25.02 35.09
N LEU C 404 -26.44 -26.15 34.66
CA LEU C 404 -26.90 -26.82 33.44
C LEU C 404 -28.35 -27.28 33.56
N GLU C 405 -28.72 -27.78 34.75
CA GLU C 405 -30.11 -28.16 35.01
C GLU C 405 -31.06 -26.97 34.85
N ALA C 406 -30.58 -25.76 35.17
CA ALA C 406 -31.33 -24.52 34.93
C ALA C 406 -31.50 -24.24 33.44
N VAL C 407 -30.44 -24.45 32.66
CA VAL C 407 -30.47 -24.26 31.21
C VAL C 407 -31.43 -25.25 30.55
N ILE C 408 -31.31 -26.53 30.91
CA ILE C 408 -32.18 -27.58 30.38
C ILE C 408 -33.65 -27.28 30.68
N ARG C 409 -33.91 -26.93 31.93
CA ARG C 409 -35.26 -26.61 32.41
C ARG C 409 -35.88 -25.47 31.61
N VAL C 410 -35.10 -24.42 31.38
CA VAL C 410 -35.57 -23.27 30.61
C VAL C 410 -35.77 -23.59 29.13
N HIS C 411 -34.76 -24.21 28.52
CA HIS C 411 -34.75 -24.42 27.07
C HIS C 411 -35.44 -25.71 26.60
N SER C 412 -36.00 -26.47 27.53
CA SER C 412 -36.88 -27.59 27.18
C SER C 412 -38.13 -27.11 26.42
N LYS C 413 -38.46 -25.83 26.55
CA LYS C 413 -39.58 -25.22 25.84
C LYS C 413 -39.31 -25.06 24.33
N TYR C 414 -38.05 -24.94 23.94
CA TYR C 414 -37.69 -24.57 22.56
C TYR C 414 -36.93 -25.65 21.76
N TRP C 415 -36.21 -26.54 22.46
CA TRP C 415 -35.33 -27.50 21.79
C TRP C 415 -35.66 -28.94 22.20
N GLY C 416 -35.86 -29.79 21.20
CA GLY C 416 -36.16 -31.21 21.43
C GLY C 416 -35.09 -31.94 22.23
N CYS C 417 -33.83 -31.54 22.04
CA CYS C 417 -32.71 -32.13 22.77
C CYS C 417 -32.67 -31.72 24.24
N MET C 418 -33.40 -30.66 24.60
CA MET C 418 -33.49 -30.22 26.00
C MET C 418 -34.75 -30.73 26.69
N GLN C 419 -35.68 -31.31 25.93
CA GLN C 419 -36.93 -31.83 26.50
C GLN C 419 -36.71 -33.16 27.24
ZN ZN D . 29.68 -3.44 -14.26
ZN ZN E . 37.85 14.80 -11.46
K K F . 28.59 -10.32 -13.02
K K G . 31.19 -20.03 -1.93
C1 NU7 H . 36.44 7.15 -18.97
N2 NU7 H . 37.15 5.92 -19.37
F01 NU7 H . 29.70 -0.62 -11.06
C02 NU7 H . 30.52 -1.61 -11.37
F03 NU7 H . 31.34 -1.80 -10.35
F04 NU7 H . 29.85 -2.72 -11.66
C05 NU7 H . 31.29 -1.26 -12.61
N06 NU7 H . 32.60 -1.18 -12.72
C07 NU7 H . 32.92 -0.83 -14.04
N08 NU7 H . 31.78 -0.70 -14.70
O09 NU7 H . 30.73 -0.96 -13.83
C10 NU7 H . 34.27 -0.62 -14.58
C11 NU7 H . 35.40 -0.93 -13.82
C12 NU7 H . 36.67 -0.70 -14.36
C13 NU7 H . 36.81 -0.16 -15.64
C14 NU7 H . 35.68 0.15 -16.41
C15 NU7 H . 34.40 -0.07 -15.87
C16 NU7 H . 35.82 0.74 -17.75
O17 NU7 H . 36.73 0.36 -18.50
N18 NU7 H . 35.00 1.73 -18.09
C19 NU7 H . 35.16 2.54 -19.31
C20 NU7 H . 34.90 4.03 -19.01
C21 NU7 H . 35.08 4.86 -20.30
C22 NU7 H . 36.53 5.31 -20.56
C24 NU7 H . 37.21 4.96 -18.27
C25 NU7 H . 35.80 4.51 -17.84
C26 NU7 H . 33.46 4.12 -18.56
N27 NU7 H . 32.96 3.76 -17.37
C28 NU7 H . 31.58 3.95 -17.16
C29 NU7 H . 30.90 4.49 -18.19
S30 NU7 H . 32.09 4.74 -19.47
C31 NU7 H . 30.93 3.57 -15.88
C32 NU7 H . 29.70 4.14 -15.49
C33 NU7 H . 29.10 3.77 -14.28
C34 NU7 H . 29.71 2.83 -13.44
C35 NU7 H . 30.93 2.26 -13.83
C36 NU7 H . 31.54 2.63 -15.03
ZN ZN I . -10.50 25.89 -18.62
ZN ZN J . -2.62 43.88 -13.96
K K K . -10.67 18.82 -19.68
K K L . -1.92 7.20 -16.45
C1 NU7 M . -8.02 39.50 -21.47
N2 NU7 M . -7.46 38.72 -22.61
F01 NU7 M . -8.85 27.49 -15.36
C02 NU7 M . -8.12 27.09 -16.39
F03 NU7 M . -6.86 27.14 -15.99
F04 NU7 M . -8.47 25.87 -16.80
C05 NU7 M . -8.32 28.00 -17.58
N06 NU7 M . -7.37 28.39 -18.42
C07 NU7 M . -7.95 29.23 -19.38
N08 NU7 M . -9.25 29.34 -19.10
O09 NU7 M . -9.53 28.56 -17.97
C10 NU7 M . -7.24 29.90 -20.48
C11 NU7 M . -5.91 29.58 -20.77
C12 NU7 M . -5.24 30.25 -21.81
C13 NU7 M . -5.90 31.23 -22.56
C14 NU7 M . -7.24 31.55 -22.27
C15 NU7 M . -7.90 30.89 -21.22
C16 NU7 M . -7.96 32.60 -23.01
O17 NU7 M . -8.78 32.30 -23.88
N18 NU7 M . -7.71 33.86 -22.67
C19 NU7 M . -8.42 35.03 -23.24
C20 NU7 M . -8.79 36.08 -22.16
C21 NU7 M . -9.50 37.26 -22.85
C22 NU7 M . -8.54 38.27 -23.51
C24 NU7 M . -6.69 37.58 -22.11
C25 NU7 M . -7.57 36.57 -21.35
C26 NU7 M . -9.77 35.44 -21.18
N27 NU7 M . -9.51 34.67 -20.13
C28 NU7 M . -10.60 34.22 -19.36
C29 NU7 M . -11.81 34.65 -19.75
S30 NU7 M . -11.52 35.66 -21.17
C31 NU7 M . -10.44 33.35 -18.16
C32 NU7 M . -11.31 33.50 -17.06
C33 NU7 M . -11.17 32.70 -15.91
C34 NU7 M . -10.15 31.74 -15.85
C35 NU7 M . -9.28 31.60 -16.94
C36 NU7 M . -9.42 32.40 -18.09
ZN ZN N . -13.81 -11.55 29.15
ZN ZN O . -3.21 5.56 31.14
K K P . -19.33 -15.75 27.27
K K Q . -30.15 -14.90 19.06
C1 NU7 R . -7.30 -2.24 36.89
N2 NU7 R . -8.55 -2.76 37.47
F01 NU7 R . -12.42 -9.36 26.45
C02 NU7 R . -13.28 -8.53 27.03
F03 NU7 R . -13.05 -7.29 26.61
F04 NU7 R . -14.52 -8.89 26.77
C05 NU7 R . -13.07 -8.53 28.52
N06 NU7 R . -13.56 -7.61 29.33
C07 NU7 R . -13.18 -7.91 30.63
N08 NU7 R . -12.43 -9.00 30.61
O09 NU7 R . -12.33 -9.44 29.28
C10 NU7 R . -13.54 -7.08 31.80
C11 NU7 R . -14.62 -6.18 31.72
C12 NU7 R . -14.96 -5.38 32.81
C13 NU7 R . -14.23 -5.47 33.99
C14 NU7 R . -13.16 -6.37 34.08
C15 NU7 R . -12.80 -7.16 32.99
C16 NU7 R . -12.36 -6.45 35.33
O17 NU7 R . -12.89 -6.72 36.40
N18 NU7 R . -11.08 -6.16 35.21
C19 NU7 R . -10.19 -6.02 36.37
C20 NU7 R . -8.90 -5.30 35.94
C21 NU7 R . -7.93 -5.18 37.14
C22 NU7 R . -8.31 -4.06 38.12
C24 NU7 R . -9.58 -2.86 36.41
C25 NU7 R . -9.21 -3.91 35.34
C26 NU7 R . -8.32 -6.21 34.88
N27 NU7 R . -8.68 -6.28 33.62
C28 NU7 R . -8.02 -7.20 32.79
C29 NU7 R . -7.06 -7.94 33.38
S30 NU7 R . -7.03 -7.41 35.08
C31 NU7 R . -8.34 -7.34 31.35
C32 NU7 R . -9.63 -7.03 30.88
C33 NU7 R . -9.95 -7.16 29.52
C34 NU7 R . -8.97 -7.60 28.61
C35 NU7 R . -7.69 -7.91 29.06
C36 NU7 R . -7.37 -7.78 30.43
#